data_2O99
#
_entry.id   2O99
#
_cell.length_a   53.538
_cell.length_b   81.483
_cell.length_c   154.693
_cell.angle_alpha   90.000
_cell.angle_beta   90.000
_cell.angle_gamma   90.000
#
_symmetry.space_group_name_H-M   'P 21 21 21'
#
loop_
_entity.id
_entity.type
_entity.pdbx_description
1 polymer 'Acetate operon repressor'
2 non-polymer 1,2-ETHANEDIOL
3 non-polymer 'GLYCOLIC ACID'
4 water water
#
_entity_poly.entity_id   1
_entity_poly.type   'polypeptide(L)'
_entity_poly.pdbx_seq_one_letter_code
;GH(MSE)SRNLLAIVHPILRNL(MSE)EESGETVN(MSE)AVLDQSDHEAIIIDQVQCTHL(MSE)R(MSE)SAPIGGKL
P(MSE)HASGAGKAFLAQLSEEQVTKLLHRKGLHAYTHATLVSPVHLKEDLAQTRKRGYSFDDEEHALGLRCLAACIFDE
HREPFAAISISGPISRITDDRVTEFGA(MSE)VIKAAKEVTLAYGG(MSE)RGS
;
_entity_poly.pdbx_strand_id   A,B,C,D
#
# COMPACT_ATOMS: atom_id res chain seq x y z
N GLY A 1 3.39 4.39 14.50
CA GLY A 1 4.02 4.32 13.15
C GLY A 1 2.96 4.45 12.06
N HIS A 2 3.32 5.16 10.97
CA HIS A 2 2.42 5.53 9.87
C HIS A 2 3.18 5.58 8.53
N SER A 4 3.28 6.53 4.63
CA SER A 4 2.73 7.36 3.59
C SER A 4 3.46 6.97 2.27
N ARG A 5 2.97 7.44 1.13
N ARG A 5 2.97 7.44 1.13
CA ARG A 5 3.61 7.17 -0.17
CA ARG A 5 3.62 7.15 -0.15
C ARG A 5 5.02 7.75 -0.17
C ARG A 5 5.03 7.73 -0.14
N ASN A 6 5.13 8.94 0.41
CA ASN A 6 6.42 9.62 0.57
C ASN A 6 7.42 8.75 1.34
N LEU A 7 7.00 8.18 2.48
CA LEU A 7 7.85 7.29 3.26
C LEU A 7 8.19 5.99 2.51
N LEU A 8 7.18 5.39 1.87
CA LEU A 8 7.45 4.25 0.99
C LEU A 8 8.50 4.57 -0.06
N ALA A 9 8.40 5.78 -0.65
CA ALA A 9 9.38 6.23 -1.65
C ALA A 9 10.79 6.29 -1.09
N ILE A 10 10.91 6.83 0.14
CA ILE A 10 12.18 7.04 0.83
C ILE A 10 12.83 5.69 1.09
N VAL A 11 12.06 4.73 1.59
CA VAL A 11 12.62 3.40 1.92
C VAL A 11 12.68 2.38 0.78
N HIS A 12 12.02 2.69 -0.33
CA HIS A 12 12.01 1.82 -1.50
C HIS A 12 13.37 1.15 -1.85
N PRO A 13 14.47 1.94 -1.92
CA PRO A 13 15.86 1.42 -2.24
C PRO A 13 16.29 0.24 -1.36
N ILE A 14 15.88 0.24 -0.10
CA ILE A 14 16.16 -0.83 0.86
C ILE A 14 15.41 -2.09 0.43
N LEU A 15 14.14 -1.94 0.09
CA LEU A 15 13.39 -3.11 -0.42
C LEU A 15 14.01 -3.64 -1.72
N ARG A 16 14.35 -2.73 -2.63
CA ARG A 16 14.89 -3.05 -3.96
C ARG A 16 16.26 -3.72 -3.81
N ASN A 17 17.10 -3.14 -2.97
CA ASN A 17 18.42 -3.78 -2.61
C ASN A 17 18.24 -5.19 -2.04
N LEU A 18 17.26 -5.40 -1.13
CA LEU A 18 16.90 -6.72 -0.59
C LEU A 18 16.38 -7.75 -1.63
N GLU A 20 17.14 -7.61 -4.75
CA GLU A 20 18.35 -7.91 -5.51
C GLU A 20 19.25 -8.95 -4.86
N GLU A 21 19.51 -8.78 -3.56
CA GLU A 21 20.46 -9.63 -2.84
C GLU A 21 19.84 -11.02 -2.70
N SER A 22 18.58 -11.06 -2.25
CA SER A 22 17.94 -12.36 -2.02
C SER A 22 17.49 -13.05 -3.37
N GLY A 23 17.26 -12.28 -4.43
CA GLY A 23 16.67 -12.77 -5.69
C GLY A 23 15.19 -13.15 -5.58
N GLU A 24 14.53 -12.71 -4.51
CA GLU A 24 13.14 -13.08 -4.27
C GLU A 24 12.35 -11.80 -4.05
N THR A 25 11.02 -11.93 -4.21
CA THR A 25 10.05 -10.88 -3.91
C THR A 25 10.13 -10.43 -2.44
N VAL A 26 10.12 -9.12 -2.34
CA VAL A 26 10.15 -8.42 -1.04
C VAL A 26 8.82 -7.71 -0.81
N ASN A 27 8.28 -7.90 0.37
CA ASN A 27 7.00 -7.28 0.75
C ASN A 27 7.17 -6.41 1.99
N ALA A 29 4.58 -5.08 4.90
CA ALA A 29 3.25 -5.23 5.45
C ALA A 29 3.07 -4.38 6.71
N VAL A 30 1.85 -3.87 6.91
CA VAL A 30 1.57 -3.16 8.16
C VAL A 30 0.56 -3.94 8.99
N LEU A 31 0.61 -3.76 10.31
CA LEU A 31 -0.30 -4.49 11.21
C LEU A 31 -1.57 -3.63 11.38
N ASP A 32 -2.71 -4.17 11.00
CA ASP A 32 -3.98 -3.53 11.37
C ASP A 32 -4.24 -3.78 12.88
N GLN A 33 -4.16 -2.72 13.68
CA GLN A 33 -4.33 -2.80 15.14
C GLN A 33 -5.73 -3.13 15.62
N SER A 34 -6.74 -2.71 14.85
CA SER A 34 -8.15 -3.02 15.17
C SER A 34 -8.43 -4.47 14.88
N ASP A 35 -8.08 -4.98 13.68
CA ASP A 35 -8.56 -6.28 13.23
C ASP A 35 -7.51 -7.36 13.34
N HIS A 36 -6.33 -6.95 13.80
CA HIS A 36 -5.19 -7.83 13.96
C HIS A 36 -4.94 -8.66 12.74
N GLU A 37 -4.60 -7.94 11.66
CA GLU A 37 -4.19 -8.56 10.40
C GLU A 37 -2.86 -7.97 9.86
N ALA A 38 -2.18 -8.67 8.92
CA ALA A 38 -0.99 -8.11 8.20
C ALA A 38 -1.26 -7.77 6.73
N ILE A 39 -1.26 -6.48 6.41
CA ILE A 39 -1.71 -5.98 5.11
C ILE A 39 -0.51 -5.52 4.30
N ILE A 40 -0.32 -6.12 3.14
CA ILE A 40 0.79 -5.79 2.25
C ILE A 40 0.55 -4.37 1.70
N ILE A 41 1.50 -3.47 1.92
CA ILE A 41 1.36 -2.08 1.39
C ILE A 41 2.43 -1.65 0.38
N ASP A 42 3.49 -2.46 0.25
CA ASP A 42 4.44 -2.29 -0.86
C ASP A 42 5.08 -3.62 -1.14
N GLN A 43 5.70 -3.66 -2.31
CA GLN A 43 6.30 -4.87 -2.84
C GLN A 43 7.26 -4.54 -3.95
N VAL A 44 8.40 -5.20 -3.92
CA VAL A 44 9.31 -5.23 -5.06
C VAL A 44 9.44 -6.73 -5.48
N GLN A 45 8.84 -7.07 -6.62
CA GLN A 45 8.94 -8.41 -7.15
C GLN A 45 10.33 -8.71 -7.73
N CYS A 46 10.78 -9.95 -7.59
CA CYS A 46 12.02 -10.40 -8.32
C CYS A 46 11.62 -10.64 -9.82
N THR A 47 12.60 -10.94 -10.70
CA THR A 47 12.29 -11.10 -12.13
C THR A 47 12.14 -12.58 -12.51
N HIS A 48 12.25 -13.50 -11.55
CA HIS A 48 12.11 -14.92 -11.89
C HIS A 48 10.73 -15.18 -12.49
N LEU A 49 10.65 -16.14 -13.41
CA LEU A 49 9.35 -16.50 -14.03
C LEU A 49 8.32 -16.89 -12.98
N ARG A 51 7.51 -16.83 -9.06
CA ARG A 51 7.88 -16.00 -7.88
C ARG A 51 6.65 -15.75 -7.07
N SER A 53 3.85 -13.32 -5.80
CA SER A 53 3.24 -12.15 -6.37
C SER A 53 1.87 -11.88 -5.74
N ALA A 54 1.80 -11.81 -4.41
CA ALA A 54 0.55 -11.41 -3.79
C ALA A 54 0.25 -9.96 -4.24
N PRO A 55 -1.05 -9.60 -4.31
CA PRO A 55 -1.45 -8.20 -4.63
C PRO A 55 -1.09 -7.22 -3.49
N ILE A 56 -0.88 -5.96 -3.85
N ILE A 56 -0.88 -5.96 -3.82
CA ILE A 56 -0.91 -4.87 -2.84
CA ILE A 56 -0.84 -4.96 -2.75
C ILE A 56 -2.31 -4.88 -2.25
C ILE A 56 -2.26 -4.74 -2.25
N GLY A 57 -2.37 -4.77 -0.93
CA GLY A 57 -3.62 -4.75 -0.20
C GLY A 57 -3.95 -6.18 0.20
N GLY A 58 -3.14 -7.15 -0.25
CA GLY A 58 -3.30 -8.56 0.14
C GLY A 58 -3.08 -8.77 1.64
N LYS A 59 -3.71 -9.77 2.26
CA LYS A 59 -3.49 -10.01 3.68
C LYS A 59 -2.76 -11.31 3.94
N LEU A 60 -1.77 -11.25 4.84
CA LEU A 60 -0.97 -12.42 5.18
C LEU A 60 -1.40 -12.92 6.57
N PRO A 61 -1.83 -14.18 6.66
CA PRO A 61 -2.40 -14.63 7.98
C PRO A 61 -1.45 -14.50 9.22
N HIS A 63 -0.98 -16.22 12.15
CA HIS A 63 -0.35 -17.43 12.68
C HIS A 63 0.46 -18.21 11.63
N ALA A 64 0.41 -17.78 10.35
CA ALA A 64 0.77 -18.66 9.28
C ALA A 64 1.53 -17.99 8.14
N SER A 65 2.19 -16.88 8.41
CA SER A 65 3.00 -16.22 7.38
C SER A 65 4.25 -15.69 8.04
N GLY A 66 5.25 -15.28 7.24
CA GLY A 66 6.42 -14.62 7.81
C GLY A 66 6.01 -13.30 8.48
N ALA A 67 5.30 -12.43 7.76
CA ALA A 67 4.97 -11.11 8.34
C ALA A 67 4.09 -11.26 9.58
N GLY A 68 3.06 -12.09 9.47
CA GLY A 68 2.12 -12.36 10.60
C GLY A 68 2.89 -12.75 11.87
N LYS A 69 3.64 -13.84 11.79
CA LYS A 69 4.42 -14.35 12.94
C LYS A 69 5.51 -13.41 13.44
N ALA A 70 6.09 -12.61 12.53
CA ALA A 70 6.95 -11.52 12.97
C ALA A 70 6.24 -10.50 13.91
N PHE A 71 4.98 -10.17 13.60
CA PHE A 71 4.11 -9.36 14.50
C PHE A 71 3.76 -10.10 15.80
N LEU A 72 3.25 -11.32 15.71
CA LEU A 72 2.98 -12.14 16.92
C LEU A 72 4.18 -12.27 17.90
N ALA A 73 5.38 -12.55 17.35
CA ALA A 73 6.61 -12.62 18.13
C ALA A 73 6.90 -11.35 18.98
N GLN A 74 6.31 -10.20 18.61
CA GLN A 74 6.48 -8.94 19.36
C GLN A 74 5.58 -8.85 20.55
N LEU A 75 4.55 -9.70 20.60
CA LEU A 75 3.60 -9.70 21.72
C LEU A 75 4.08 -10.52 22.93
N SER A 76 3.58 -10.15 24.12
CA SER A 76 3.86 -10.91 25.33
C SER A 76 3.22 -12.29 25.24
N GLU A 77 3.80 -13.22 25.99
CA GLU A 77 3.28 -14.57 25.99
C GLU A 77 1.80 -14.60 26.44
N GLU A 78 1.43 -13.73 27.39
CA GLU A 78 0.01 -13.60 27.81
C GLU A 78 -0.91 -13.14 26.65
N GLN A 79 -0.46 -12.12 25.92
CA GLN A 79 -1.17 -11.58 24.76
C GLN A 79 -1.40 -12.60 23.65
N VAL A 80 -0.38 -13.41 23.37
CA VAL A 80 -0.54 -14.50 22.42
C VAL A 80 -1.43 -15.60 23.03
N THR A 81 -1.26 -15.87 24.32
CA THR A 81 -2.04 -16.94 25.02
C THR A 81 -3.56 -16.64 25.01
N LYS A 82 -3.88 -15.35 25.09
CA LYS A 82 -5.26 -14.87 24.98
C LYS A 82 -5.68 -14.74 23.51
N LYS A 87 -10.07 -17.30 17.11
CA LYS A 87 -9.61 -18.15 18.19
C LYS A 87 -9.24 -19.58 17.73
N GLY A 88 -10.01 -20.12 16.78
CA GLY A 88 -9.59 -21.27 15.97
C GLY A 88 -8.73 -20.75 14.84
N LEU A 89 -7.62 -21.46 14.58
CA LEU A 89 -6.64 -21.06 13.57
C LEU A 89 -6.84 -21.90 12.31
N HIS A 90 -6.95 -21.24 11.16
CA HIS A 90 -7.17 -21.98 9.93
C HIS A 90 -5.90 -22.76 9.54
N ALA A 91 -6.08 -24.01 9.10
CA ALA A 91 -5.01 -24.82 8.53
C ALA A 91 -5.00 -24.66 7.02
N TYR A 92 -4.08 -23.82 6.51
CA TYR A 92 -3.80 -23.65 5.07
C TYR A 92 -3.15 -24.90 4.50
N THR A 93 -2.25 -25.48 5.28
CA THR A 93 -1.53 -26.68 4.89
C THR A 93 -1.39 -27.67 6.06
N HIS A 94 -0.87 -28.86 5.76
CA HIS A 94 -0.48 -29.81 6.79
C HIS A 94 0.58 -29.18 7.72
N ALA A 95 1.35 -28.21 7.21
CA ALA A 95 2.42 -27.58 8.02
C ALA A 95 1.95 -26.36 8.87
N THR A 96 0.77 -25.81 8.60
CA THR A 96 0.21 -24.71 9.38
C THR A 96 0.19 -25.07 10.89
N LEU A 97 0.85 -24.23 11.70
CA LEU A 97 0.86 -24.36 13.17
C LEU A 97 -0.48 -24.01 13.75
N VAL A 98 -1.29 -25.02 13.99
CA VAL A 98 -2.63 -24.78 14.54
C VAL A 98 -2.69 -25.09 16.04
N SER A 99 -1.71 -25.85 16.53
CA SER A 99 -1.57 -26.19 17.93
C SER A 99 -0.83 -25.04 18.64
N PRO A 100 -1.48 -24.42 19.63
CA PRO A 100 -0.95 -23.26 20.35
C PRO A 100 0.42 -23.50 21.03
N VAL A 101 0.64 -24.71 21.54
CA VAL A 101 1.95 -25.12 22.02
C VAL A 101 3.02 -24.94 20.92
N HIS A 102 2.75 -25.51 19.74
CA HIS A 102 3.67 -25.45 18.59
C HIS A 102 3.88 -24.00 18.15
N LEU A 103 2.79 -23.22 18.14
CA LEU A 103 2.87 -21.83 17.65
C LEU A 103 3.78 -21.02 18.54
N LYS A 104 3.53 -21.13 19.83
CA LYS A 104 4.28 -20.36 20.84
C LYS A 104 5.76 -20.67 20.82
N GLU A 105 6.11 -21.93 20.56
CA GLU A 105 7.51 -22.37 20.52
C GLU A 105 8.23 -21.77 19.33
N ASP A 106 7.51 -21.67 18.21
CA ASP A 106 7.99 -21.02 16.99
C ASP A 106 8.23 -19.52 17.21
N LEU A 107 7.31 -18.88 17.91
CA LEU A 107 7.46 -17.46 18.29
C LEU A 107 8.61 -17.21 19.27
N ALA A 108 8.84 -18.22 20.12
CA ALA A 108 9.97 -18.23 21.06
C ALA A 108 11.23 -18.19 20.26
N GLN A 109 11.31 -19.07 19.26
CA GLN A 109 12.52 -19.18 18.42
C GLN A 109 12.76 -17.94 17.56
N THR A 110 11.66 -17.38 17.08
CA THR A 110 11.62 -16.15 16.28
C THR A 110 12.29 -14.97 17.02
N ARG A 111 11.90 -14.76 18.27
CA ARG A 111 12.55 -13.80 19.13
C ARG A 111 14.05 -14.08 19.32
N LYS A 112 14.43 -15.35 19.50
CA LYS A 112 15.87 -15.65 19.62
C LYS A 112 16.68 -15.49 18.32
N ARG A 113 16.17 -15.98 17.18
CA ARG A 113 16.94 -15.84 15.93
C ARG A 113 16.85 -14.46 15.27
N GLY A 114 15.89 -13.63 15.69
CA GLY A 114 15.77 -12.27 15.13
C GLY A 114 14.85 -12.12 13.92
N TYR A 115 14.18 -13.23 13.53
CA TYR A 115 13.38 -13.25 12.28
C TYR A 115 12.32 -14.37 12.33
N SER A 116 11.15 -14.15 11.73
CA SER A 116 10.18 -15.25 11.55
C SER A 116 10.48 -16.10 10.31
N PHE A 117 9.92 -17.31 10.28
CA PHE A 117 10.13 -18.25 9.16
C PHE A 117 8.83 -19.06 8.93
N ASP A 118 8.18 -18.80 7.79
CA ASP A 118 7.00 -19.48 7.32
C ASP A 118 7.51 -20.58 6.40
N ASP A 119 7.33 -21.83 6.83
CA ASP A 119 7.84 -22.92 6.04
C ASP A 119 6.68 -23.70 5.42
N GLU A 120 6.13 -23.22 4.30
CA GLU A 120 4.95 -23.83 3.68
C GLU A 120 3.70 -23.92 4.59
N GLU A 121 3.61 -22.97 5.52
CA GLU A 121 2.50 -22.90 6.45
C GLU A 121 1.37 -22.10 5.88
N HIS A 122 1.68 -21.24 4.89
CA HIS A 122 0.65 -20.48 4.21
C HIS A 122 0.26 -21.15 2.87
N ALA A 123 1.28 -21.54 2.10
CA ALA A 123 1.02 -22.17 0.84
C ALA A 123 2.08 -23.18 0.60
N LEU A 124 1.71 -24.35 0.06
CA LEU A 124 2.67 -25.37 -0.27
C LEU A 124 3.63 -24.76 -1.26
N GLY A 125 4.91 -25.06 -1.07
CA GLY A 125 6.05 -24.63 -1.88
C GLY A 125 6.56 -23.21 -1.65
N LEU A 126 5.90 -22.48 -0.76
CA LEU A 126 6.22 -21.06 -0.43
C LEU A 126 6.90 -21.00 0.93
N ARG A 127 8.02 -20.31 0.95
CA ARG A 127 8.69 -19.93 2.18
C ARG A 127 8.77 -18.39 2.30
N CYS A 128 8.68 -17.89 3.53
CA CYS A 128 8.97 -16.46 3.81
C CYS A 128 9.75 -16.27 5.11
N LEU A 129 10.59 -15.26 5.08
CA LEU A 129 11.38 -14.80 6.25
C LEU A 129 11.10 -13.35 6.45
N ALA A 130 10.86 -12.92 7.69
CA ALA A 130 10.46 -11.56 7.97
C ALA A 130 11.01 -11.07 9.30
N ALA A 131 11.07 -9.75 9.43
CA ALA A 131 11.44 -9.04 10.66
C ALA A 131 10.63 -7.71 10.71
N CYS A 132 10.30 -7.26 11.94
CA CYS A 132 9.53 -6.07 12.18
C CYS A 132 10.38 -4.81 12.08
N ILE A 133 9.64 -3.76 11.73
CA ILE A 133 10.12 -2.38 11.65
C ILE A 133 9.43 -1.64 12.79
N PHE A 134 10.19 -0.76 13.44
CA PHE A 134 9.74 -0.08 14.68
C PHE A 134 9.67 1.44 14.51
N ASP A 135 8.68 2.04 15.19
CA ASP A 135 8.51 3.53 15.04
C ASP A 135 9.43 4.29 16.06
N GLU A 136 9.26 5.61 16.22
CA GLU A 136 10.06 6.39 17.17
C GLU A 136 9.80 6.05 18.65
N HIS A 137 8.70 5.33 18.91
CA HIS A 137 8.41 4.86 20.26
C HIS A 137 8.79 3.37 20.45
N ARG A 138 9.63 2.87 19.53
N ARG A 138 9.55 2.82 19.50
CA ARG A 138 10.09 1.46 19.49
CA ARG A 138 9.97 1.42 19.57
C ARG A 138 8.90 0.46 19.40
C ARG A 138 8.78 0.50 19.58
N GLU A 139 7.76 0.91 18.85
CA GLU A 139 6.57 0.04 18.70
C GLU A 139 6.59 -0.64 17.32
N PRO A 140 6.32 -1.97 17.25
CA PRO A 140 6.34 -2.62 15.90
C PRO A 140 5.07 -2.14 15.13
N PHE A 141 5.26 -1.59 13.93
CA PHE A 141 4.07 -1.23 13.08
C PHE A 141 4.06 -1.90 11.70
N ALA A 142 5.26 -2.21 11.18
CA ALA A 142 5.41 -2.83 9.84
C ALA A 142 6.33 -4.06 9.92
N ALA A 143 6.35 -4.82 8.83
CA ALA A 143 7.29 -5.91 8.71
C ALA A 143 7.71 -6.08 7.27
N ILE A 144 8.96 -6.47 7.14
CA ILE A 144 9.47 -6.72 5.80
C ILE A 144 9.69 -8.20 5.67
N SER A 145 9.27 -8.75 4.52
CA SER A 145 9.44 -10.21 4.30
C SER A 145 10.02 -10.48 2.92
N ILE A 146 10.80 -11.56 2.84
CA ILE A 146 11.35 -12.12 1.58
C ILE A 146 10.49 -13.38 1.41
N SER A 147 9.96 -13.60 0.21
CA SER A 147 8.91 -14.60 -0.01
C SER A 147 9.22 -15.25 -1.37
N GLY A 148 9.30 -16.58 -1.38
CA GLY A 148 9.62 -17.26 -2.63
C GLY A 148 9.60 -18.77 -2.52
N PRO A 149 9.84 -19.43 -3.64
CA PRO A 149 9.63 -20.90 -3.68
C PRO A 149 10.71 -21.65 -2.94
N ILE A 150 10.30 -22.74 -2.32
CA ILE A 150 11.22 -23.69 -1.65
C ILE A 150 12.35 -24.23 -2.61
N SER A 151 12.07 -24.24 -3.94
CA SER A 151 13.08 -24.45 -5.01
C SER A 151 14.34 -23.58 -4.92
N ARG A 152 14.16 -22.28 -4.64
CA ARG A 152 15.26 -21.36 -4.50
C ARG A 152 15.61 -21.04 -3.02
N ILE A 153 14.61 -20.91 -2.15
CA ILE A 153 14.83 -20.68 -0.72
C ILE A 153 15.03 -22.02 -0.05
N THR A 154 16.22 -22.56 -0.30
CA THR A 154 16.62 -23.89 0.18
C THR A 154 17.21 -23.83 1.59
N ASP A 155 17.35 -25.00 2.22
CA ASP A 155 17.82 -25.05 3.61
C ASP A 155 19.15 -24.37 3.88
N ASP A 156 20.07 -24.46 2.91
CA ASP A 156 21.39 -23.85 3.04
C ASP A 156 21.35 -22.32 2.97
N ARG A 157 20.16 -21.77 2.71
CA ARG A 157 19.94 -20.33 2.52
C ARG A 157 19.12 -19.61 3.62
N VAL A 158 18.44 -20.37 4.48
CA VAL A 158 17.47 -19.88 5.42
C VAL A 158 18.07 -18.87 6.42
N THR A 159 19.22 -19.23 7.00
CA THR A 159 19.93 -18.34 7.94
C THR A 159 20.45 -17.08 7.26
N GLU A 160 21.19 -17.24 6.17
CA GLU A 160 21.62 -16.10 5.35
C GLU A 160 20.42 -15.14 5.02
N PHE A 161 19.33 -15.68 4.48
CA PHE A 161 18.07 -14.89 4.24
C PHE A 161 17.51 -14.20 5.49
N GLY A 162 17.41 -14.93 6.62
CA GLY A 162 17.16 -14.35 7.94
C GLY A 162 18.02 -13.10 8.25
N ALA A 163 19.32 -13.21 8.04
CA ALA A 163 20.25 -12.11 8.29
C ALA A 163 19.94 -10.91 7.37
N VAL A 165 17.17 -10.01 6.10
CA VAL A 165 15.88 -9.35 6.40
C VAL A 165 15.98 -8.59 7.75
N ILE A 166 16.84 -9.08 8.65
CA ILE A 166 17.14 -8.34 9.91
C ILE A 166 17.80 -7.02 9.57
N LYS A 167 18.81 -7.09 8.71
CA LYS A 167 19.57 -5.93 8.31
C LYS A 167 18.66 -4.92 7.54
N ALA A 168 17.87 -5.43 6.59
CA ALA A 168 16.90 -4.57 5.91
C ALA A 168 15.88 -3.85 6.84
N ALA A 169 15.29 -4.58 7.77
CA ALA A 169 14.28 -4.07 8.69
C ALA A 169 14.90 -2.98 9.58
N LYS A 170 16.16 -3.22 9.99
CA LYS A 170 16.90 -2.20 10.75
C LYS A 170 17.09 -0.93 9.98
N GLU A 171 17.39 -1.04 8.69
CA GLU A 171 17.60 0.13 7.81
C GLU A 171 16.30 0.90 7.62
N VAL A 172 15.18 0.17 7.53
CA VAL A 172 13.85 0.81 7.52
C VAL A 172 13.52 1.55 8.82
N THR A 173 13.62 0.85 9.95
CA THR A 173 13.61 1.51 11.25
C THR A 173 14.47 2.83 11.29
N LEU A 174 15.77 2.77 10.96
CA LEU A 174 16.60 3.99 10.94
C LEU A 174 16.05 5.07 10.06
N ALA A 175 15.65 4.71 8.84
CA ALA A 175 15.17 5.68 7.86
C ALA A 175 13.87 6.30 8.32
N TYR A 176 12.99 5.48 8.89
CA TYR A 176 11.71 6.00 9.39
C TYR A 176 11.96 7.04 10.47
N GLY A 177 12.81 6.72 11.45
CA GLY A 177 13.11 7.64 12.56
C GLY A 177 13.50 9.04 12.08
N GLY A 178 14.31 9.09 11.03
CA GLY A 178 14.79 10.33 10.45
C GLY A 178 13.78 11.04 9.58
N ARG A 180 9.97 10.12 9.69
CA ARG A 180 8.74 10.25 10.50
C ARG A 180 7.85 11.44 10.07
N GLY A 181 6.58 11.19 9.65
CA GLY A 181 5.64 12.29 9.20
C GLY A 181 5.77 12.87 7.77
N SER A 182 6.80 12.43 7.03
CA SER A 182 7.01 12.80 5.60
C SER A 182 5.86 12.38 4.69
N GLY B 1 -9.54 -8.01 -10.55
CA GLY B 1 -8.27 -7.26 -10.81
C GLY B 1 -7.21 -7.54 -9.76
N HIS B 2 -5.96 -7.46 -10.20
CA HIS B 2 -4.77 -7.63 -9.35
C HIS B 2 -4.01 -6.29 -9.36
N SER B 4 -0.60 -4.03 -8.41
N SER B 4 -0.54 -4.08 -8.39
CA SER B 4 0.84 -4.28 -8.32
CA SER B 4 0.91 -4.20 -8.06
C SER B 4 1.66 -2.95 -8.33
C SER B 4 1.64 -2.85 -7.85
N ARG B 5 2.72 -2.91 -7.47
N ARG B 5 2.97 -2.97 -7.54
CA ARG B 5 3.55 -1.69 -7.48
CA ARG B 5 3.79 -1.78 -7.46
C ARG B 5 3.66 -1.16 -8.92
C ARG B 5 3.94 -1.18 -8.88
N ASN B 6 3.86 -2.03 -9.91
CA ASN B 6 4.03 -1.54 -11.29
C ASN B 6 2.76 -0.92 -11.89
N LEU B 7 1.60 -1.45 -11.54
CA LEU B 7 0.36 -0.78 -11.92
C LEU B 7 0.25 0.58 -11.19
N LEU B 8 0.71 0.60 -9.94
CA LEU B 8 0.63 1.83 -9.14
C LEU B 8 1.55 2.90 -9.73
N ALA B 9 2.74 2.47 -10.17
CA ALA B 9 3.68 3.39 -10.79
C ALA B 9 3.14 3.98 -12.08
N ILE B 10 2.45 3.15 -12.88
CA ILE B 10 1.89 3.58 -14.18
C ILE B 10 0.86 4.71 -13.93
N VAL B 11 -0.04 4.48 -12.97
CA VAL B 11 -1.16 5.37 -12.75
C VAL B 11 -0.88 6.57 -11.80
N HIS B 12 0.27 6.54 -11.10
CA HIS B 12 0.66 7.63 -10.22
C HIS B 12 0.43 9.05 -10.78
N PRO B 13 0.96 9.35 -11.98
CA PRO B 13 0.73 10.73 -12.40
C PRO B 13 -0.75 11.18 -12.48
N ILE B 14 -1.70 10.25 -12.64
CA ILE B 14 -3.16 10.54 -12.67
C ILE B 14 -3.60 10.95 -11.25
N LEU B 15 -3.13 10.18 -10.27
CA LEU B 15 -3.39 10.50 -8.86
C LEU B 15 -2.77 11.86 -8.49
N ARG B 16 -1.50 12.07 -8.88
CA ARG B 16 -0.78 13.31 -8.55
C ARG B 16 -1.49 14.49 -9.22
N ASN B 17 -1.89 14.31 -10.48
CA ASN B 17 -2.62 15.33 -11.20
C ASN B 17 -3.94 15.73 -10.54
N LEU B 18 -4.65 14.73 -10.05
CA LEU B 18 -5.88 14.95 -9.31
C LEU B 18 -5.67 15.73 -7.99
N GLU B 20 -3.23 17.74 -7.54
CA GLU B 20 -2.80 19.08 -8.01
C GLU B 20 -3.96 19.97 -8.46
N GLU B 21 -4.97 19.37 -9.08
CA GLU B 21 -6.12 20.09 -9.61
C GLU B 21 -7.09 20.39 -8.48
N SER B 22 -7.35 19.37 -7.69
CA SER B 22 -8.33 19.48 -6.56
C SER B 22 -7.75 20.23 -5.38
N GLY B 23 -6.45 20.12 -5.14
CA GLY B 23 -5.83 20.69 -3.96
C GLY B 23 -6.02 19.84 -2.73
N GLU B 24 -6.55 18.62 -2.89
CA GLU B 24 -6.84 17.75 -1.73
C GLU B 24 -6.17 16.39 -1.82
N THR B 25 -6.10 15.68 -0.69
CA THR B 25 -5.57 14.33 -0.66
C THR B 25 -6.34 13.43 -1.63
N VAL B 26 -5.60 12.56 -2.33
CA VAL B 26 -6.19 11.57 -3.25
C VAL B 26 -5.77 10.16 -2.82
N ASN B 27 -6.76 9.26 -2.69
CA ASN B 27 -6.58 7.88 -2.23
C ASN B 27 -6.92 6.93 -3.33
N ALA B 29 -8.09 2.99 -3.21
CA ALA B 29 -8.44 1.84 -2.36
C ALA B 29 -8.77 0.63 -3.22
N VAL B 30 -8.43 -0.58 -2.72
CA VAL B 30 -8.83 -1.82 -3.36
C VAL B 30 -9.95 -2.48 -2.54
N LEU B 31 -10.86 -3.16 -3.22
CA LEU B 31 -11.92 -3.89 -2.54
C LEU B 31 -11.36 -5.24 -2.15
N ASP B 32 -11.47 -5.54 -0.87
CA ASP B 32 -11.28 -6.89 -0.38
C ASP B 32 -12.56 -7.72 -0.60
N GLN B 33 -12.45 -8.70 -1.50
CA GLN B 33 -13.61 -9.52 -1.94
C GLN B 33 -14.08 -10.53 -0.92
N SER B 34 -13.22 -10.86 0.04
CA SER B 34 -13.52 -11.82 1.11
C SER B 34 -14.07 -11.16 2.34
N ASP B 35 -13.47 -10.04 2.76
CA ASP B 35 -13.86 -9.44 4.03
C ASP B 35 -14.77 -8.23 3.80
N HIS B 36 -14.98 -7.90 2.52
CA HIS B 36 -15.89 -6.81 2.14
C HIS B 36 -15.44 -5.50 2.76
N GLU B 37 -14.25 -5.05 2.34
CA GLU B 37 -13.60 -3.85 2.92
C GLU B 37 -12.95 -2.96 1.81
N ALA B 38 -12.80 -1.65 2.06
CA ALA B 38 -12.01 -0.80 1.11
C ALA B 38 -10.67 -0.48 1.78
N ILE B 39 -9.56 -0.93 1.17
CA ILE B 39 -8.28 -0.85 1.82
C ILE B 39 -7.45 0.12 0.96
N ILE B 40 -6.98 1.19 1.56
CA ILE B 40 -6.17 2.21 0.91
C ILE B 40 -4.80 1.63 0.53
N ILE B 41 -4.48 1.57 -0.75
CA ILE B 41 -3.15 1.03 -1.13
C ILE B 41 -2.23 2.05 -1.79
N ASP B 42 -2.73 3.26 -2.04
CA ASP B 42 -1.84 4.34 -2.49
C ASP B 42 -2.55 5.68 -2.18
N GLN B 43 -1.82 6.78 -2.22
CA GLN B 43 -2.34 8.05 -1.75
C GLN B 43 -1.30 9.11 -2.11
N VAL B 44 -1.79 10.18 -2.68
CA VAL B 44 -0.97 11.33 -2.92
C VAL B 44 -1.52 12.44 -2.02
N GLN B 45 -0.71 12.89 -1.08
CA GLN B 45 -1.16 13.88 -0.13
C GLN B 45 -1.12 15.27 -0.72
N CYS B 46 -2.02 16.13 -0.27
CA CYS B 46 -1.93 17.55 -0.58
C CYS B 46 -0.95 18.17 0.46
N THR B 47 -0.60 19.45 0.32
CA THR B 47 0.41 20.03 1.21
C THR B 47 -0.20 20.97 2.25
N HIS B 48 -1.50 20.84 2.47
CA HIS B 48 -2.15 21.56 3.55
C HIS B 48 -1.72 21.07 4.94
N LEU B 49 -1.71 21.99 5.92
CA LEU B 49 -1.44 21.57 7.32
C LEU B 49 -2.48 20.58 7.83
N ARG B 51 -5.37 17.99 6.93
CA ARG B 51 -5.75 17.15 5.79
C ARG B 51 -6.24 15.78 6.20
N SER B 53 -5.67 12.17 6.54
CA SER B 53 -4.32 11.66 6.80
C SER B 53 -4.35 10.17 7.11
N ALA B 54 -5.16 9.39 6.41
CA ALA B 54 -5.16 7.92 6.65
C ALA B 54 -3.86 7.39 6.14
N PRO B 55 -3.35 6.39 6.84
CA PRO B 55 -2.13 5.76 6.33
C PRO B 55 -2.42 4.79 5.12
N ILE B 56 -1.39 4.51 4.33
CA ILE B 56 -1.51 3.39 3.40
C ILE B 56 -1.77 2.13 4.25
N GLY B 57 -2.68 1.30 3.78
CA GLY B 57 -3.22 0.14 4.48
C GLY B 57 -4.38 0.44 5.39
N GLY B 58 -4.73 1.73 5.59
CA GLY B 58 -5.95 2.17 6.33
C GLY B 58 -7.20 1.60 5.65
N LYS B 59 -8.25 1.31 6.41
CA LYS B 59 -9.51 0.88 5.81
C LYS B 59 -10.60 1.96 5.86
N LEU B 60 -11.49 1.95 4.87
CA LEU B 60 -12.60 2.92 4.78
C LEU B 60 -13.92 2.15 4.84
N PRO B 61 -14.87 2.61 5.69
CA PRO B 61 -16.10 1.79 5.84
C PRO B 61 -16.92 1.68 4.54
N HIS B 63 -20.24 1.54 3.95
CA HIS B 63 -21.53 2.23 3.83
C HIS B 63 -21.38 3.75 4.09
N ALA B 64 -20.14 4.18 4.47
CA ALA B 64 -19.94 5.47 5.12
C ALA B 64 -18.73 6.23 4.60
N SER B 65 -18.15 5.75 3.51
CA SER B 65 -16.99 6.49 2.91
C SER B 65 -17.26 6.70 1.42
N GLY B 66 -16.56 7.63 0.76
CA GLY B 66 -16.51 7.67 -0.71
C GLY B 66 -16.19 6.37 -1.38
N ALA B 67 -15.00 5.81 -1.11
CA ALA B 67 -14.52 4.60 -1.80
C ALA B 67 -15.57 3.46 -1.53
N GLY B 68 -16.01 3.41 -0.26
CA GLY B 68 -16.99 2.43 0.21
C GLY B 68 -18.23 2.42 -0.67
N LYS B 69 -18.83 3.57 -0.82
CA LYS B 69 -20.15 3.66 -1.45
C LYS B 69 -19.97 3.51 -2.97
N ALA B 70 -18.79 3.95 -3.47
CA ALA B 70 -18.45 3.74 -4.85
C ALA B 70 -18.53 2.25 -5.20
N PHE B 71 -17.98 1.37 -4.34
CA PHE B 71 -18.00 -0.06 -4.58
C PHE B 71 -19.43 -0.57 -4.39
N LEU B 72 -20.07 -0.16 -3.29
CA LEU B 72 -21.46 -0.65 -3.00
C LEU B 72 -22.43 -0.34 -4.17
N ALA B 73 -22.26 0.85 -4.77
CA ALA B 73 -23.11 1.29 -5.87
C ALA B 73 -23.07 0.34 -7.08
N GLN B 74 -22.00 -0.44 -7.23
CA GLN B 74 -21.86 -1.41 -8.35
C GLN B 74 -22.64 -2.72 -8.13
N LEU B 75 -23.12 -2.92 -6.91
CA LEU B 75 -23.71 -4.21 -6.54
C LEU B 75 -25.22 -4.22 -6.78
N SER B 76 -25.78 -5.40 -7.03
CA SER B 76 -27.23 -5.57 -7.09
C SER B 76 -27.85 -5.32 -5.71
N GLU B 77 -29.17 -5.09 -5.68
CA GLU B 77 -29.92 -5.01 -4.39
C GLU B 77 -29.63 -6.22 -3.48
N GLU B 78 -29.65 -7.41 -4.07
CA GLU B 78 -29.39 -8.65 -3.35
C GLU B 78 -28.03 -8.59 -2.69
N GLN B 79 -27.01 -8.22 -3.48
CA GLN B 79 -25.62 -8.23 -2.99
C GLN B 79 -25.43 -7.18 -1.92
N VAL B 80 -25.94 -5.96 -2.15
CA VAL B 80 -25.88 -4.94 -1.12
C VAL B 80 -26.54 -5.42 0.17
N THR B 81 -27.77 -5.92 0.08
CA THR B 81 -28.42 -6.43 1.30
C THR B 81 -27.53 -7.42 2.05
N LYS B 82 -27.04 -8.46 1.35
CA LYS B 82 -26.14 -9.49 1.95
C LYS B 82 -24.89 -8.91 2.63
N LEU B 83 -24.19 -7.96 1.98
CA LEU B 83 -22.95 -7.35 2.56
C LEU B 83 -23.26 -6.57 3.80
N LEU B 84 -24.34 -5.80 3.74
CA LEU B 84 -24.80 -5.00 4.89
C LEU B 84 -25.19 -5.86 6.10
N HIS B 85 -25.82 -7.01 5.85
CA HIS B 85 -26.04 -8.04 6.91
C HIS B 85 -24.71 -8.51 7.57
N ARG B 86 -23.65 -8.64 6.79
CA ARG B 86 -22.33 -9.03 7.29
CA ARG B 86 -22.33 -9.04 7.31
C ARG B 86 -21.57 -7.92 8.01
N LYS B 87 -21.55 -6.74 7.40
CA LYS B 87 -20.64 -5.69 7.88
C LYS B 87 -21.32 -4.62 8.73
N GLY B 88 -22.65 -4.66 8.79
CA GLY B 88 -23.42 -3.71 9.58
C GLY B 88 -23.53 -2.30 9.02
N LEU B 89 -24.24 -1.44 9.77
CA LEU B 89 -24.41 -0.02 9.41
C LEU B 89 -23.98 0.90 10.56
N HIS B 90 -22.75 0.73 11.03
CA HIS B 90 -22.28 1.50 12.18
C HIS B 90 -22.50 3.02 11.96
N ALA B 91 -23.11 3.66 12.96
CA ALA B 91 -23.35 5.10 12.91
C ALA B 91 -22.10 5.82 13.44
N TYR B 92 -21.23 6.26 12.52
CA TYR B 92 -20.09 7.10 12.91
C TYR B 92 -20.46 8.50 13.31
N THR B 93 -21.37 9.11 12.55
CA THR B 93 -21.80 10.47 12.81
C THR B 93 -23.31 10.59 12.69
N HIS B 94 -23.85 11.74 13.08
CA HIS B 94 -25.26 12.06 12.74
C HIS B 94 -25.59 11.94 11.23
N ALA B 95 -24.58 11.98 10.35
CA ALA B 95 -24.84 11.98 8.91
C ALA B 95 -24.87 10.57 8.29
N THR B 96 -24.24 9.62 8.99
CA THR B 96 -24.08 8.27 8.46
C THR B 96 -25.44 7.71 8.01
N LEU B 97 -25.50 7.16 6.81
CA LEU B 97 -26.69 6.49 6.35
C LEU B 97 -26.81 5.14 7.04
N VAL B 98 -27.74 5.07 7.99
CA VAL B 98 -27.86 3.85 8.77
C VAL B 98 -29.16 3.13 8.37
N SER B 99 -30.03 3.83 7.66
CA SER B 99 -31.21 3.21 7.11
C SER B 99 -30.88 2.52 5.76
N PRO B 100 -31.13 1.20 5.67
CA PRO B 100 -30.97 0.52 4.37
C PRO B 100 -31.68 1.21 3.17
N VAL B 101 -32.86 1.82 3.41
CA VAL B 101 -33.57 2.61 2.34
C VAL B 101 -32.86 3.92 1.94
N HIS B 102 -32.44 4.70 2.92
CA HIS B 102 -31.69 5.93 2.65
C HIS B 102 -30.36 5.60 1.99
N LEU B 103 -29.76 4.47 2.38
CA LEU B 103 -28.50 4.10 1.74
C LEU B 103 -28.72 3.66 0.30
N LYS B 104 -29.73 2.78 0.06
CA LYS B 104 -30.04 2.33 -1.33
C LYS B 104 -30.30 3.53 -2.26
N GLU B 105 -31.06 4.49 -1.77
CA GLU B 105 -31.37 5.71 -2.54
C GLU B 105 -30.08 6.49 -2.83
N ASP B 106 -29.24 6.64 -1.81
CA ASP B 106 -27.89 7.27 -2.05
C ASP B 106 -27.10 6.54 -3.14
N LEU B 107 -27.21 5.21 -3.15
CA LEU B 107 -26.47 4.42 -4.06
C LEU B 107 -27.03 4.51 -5.48
N ALA B 108 -28.38 4.63 -5.59
CA ALA B 108 -29.06 4.93 -6.86
C ALA B 108 -28.57 6.27 -7.40
N GLN B 109 -28.57 7.29 -6.54
CA GLN B 109 -27.98 8.62 -6.92
C GLN B 109 -26.52 8.55 -7.38
N THR B 110 -25.74 7.68 -6.73
CA THR B 110 -24.34 7.38 -7.08
C THR B 110 -24.16 6.86 -8.49
N ARG B 111 -24.93 5.82 -8.87
CA ARG B 111 -24.94 5.37 -10.25
C ARG B 111 -25.34 6.47 -11.20
N LYS B 112 -26.36 7.24 -10.84
CA LYS B 112 -26.93 8.29 -11.75
C LYS B 112 -25.91 9.41 -12.04
N ARG B 113 -25.30 9.93 -10.98
CA ARG B 113 -24.32 11.00 -11.14
C ARG B 113 -22.91 10.47 -11.52
N GLY B 114 -22.64 9.18 -11.29
CA GLY B 114 -21.36 8.59 -11.64
C GLY B 114 -20.21 8.76 -10.59
N TYR B 115 -20.53 9.31 -9.45
CA TYR B 115 -19.55 9.38 -8.37
C TYR B 115 -20.26 9.25 -7.04
N SER B 116 -19.55 8.76 -6.03
CA SER B 116 -20.10 8.73 -4.70
C SER B 116 -19.66 9.97 -3.92
N PHE B 117 -20.40 10.27 -2.87
CA PHE B 117 -20.18 11.46 -2.03
C PHE B 117 -20.40 11.12 -0.57
N ASP B 118 -19.33 11.23 0.22
CA ASP B 118 -19.37 11.04 1.68
C ASP B 118 -19.45 12.41 2.29
N ASP B 119 -20.57 12.71 2.95
CA ASP B 119 -20.76 14.04 3.47
C ASP B 119 -20.71 14.06 4.99
N GLU B 120 -19.50 14.01 5.55
CA GLU B 120 -19.27 13.83 6.99
C GLU B 120 -19.95 12.52 7.54
N GLU B 121 -19.98 11.49 6.74
CA GLU B 121 -20.64 10.17 7.14
C GLU B 121 -19.65 9.33 7.90
N HIS B 122 -18.35 9.54 7.63
CA HIS B 122 -17.33 8.75 8.31
C HIS B 122 -16.71 9.46 9.51
N ALA B 123 -16.34 10.71 9.29
CA ALA B 123 -15.72 11.51 10.36
C ALA B 123 -16.29 12.92 10.23
N LEU B 124 -16.55 13.57 11.37
CA LEU B 124 -17.03 14.96 11.35
C LEU B 124 -16.03 15.85 10.61
N GLY B 125 -16.52 16.70 9.71
CA GLY B 125 -15.63 17.64 9.04
C GLY B 125 -14.94 17.06 7.83
N LEU B 126 -15.18 15.79 7.54
CA LEU B 126 -14.53 15.18 6.41
C LEU B 126 -15.53 14.90 5.28
N ARG B 127 -15.19 15.36 4.05
CA ARG B 127 -15.91 15.01 2.80
C ARG B 127 -15.05 14.15 1.85
N CYS B 128 -15.64 13.23 1.09
CA CYS B 128 -14.93 12.59 0.03
C CYS B 128 -15.81 12.46 -1.20
N LEU B 129 -15.17 12.47 -2.34
CA LEU B 129 -15.82 12.15 -3.62
C LEU B 129 -15.06 10.95 -4.19
N ALA B 130 -15.76 9.95 -4.71
CA ALA B 130 -15.04 8.81 -5.24
C ALA B 130 -15.76 8.19 -6.47
N ALA B 131 -15.01 7.44 -7.21
CA ALA B 131 -15.51 6.66 -8.36
C ALA B 131 -14.74 5.37 -8.50
N CYS B 132 -15.43 4.32 -8.96
CA CYS B 132 -14.83 3.01 -9.23
C CYS B 132 -13.94 2.88 -10.44
N ILE B 133 -12.96 2.02 -10.27
CA ILE B 133 -12.08 1.61 -11.32
C ILE B 133 -12.47 0.12 -11.55
N PHE B 134 -12.41 -0.27 -12.84
CA PHE B 134 -12.79 -1.61 -13.36
C PHE B 134 -11.62 -2.34 -14.02
N ASP B 135 -11.59 -3.66 -13.86
CA ASP B 135 -10.58 -4.46 -14.51
C ASP B 135 -10.99 -4.80 -15.96
N GLU B 136 -10.13 -5.60 -16.63
CA GLU B 136 -10.29 -6.00 -18.04
C GLU B 136 -11.62 -6.74 -18.30
N HIS B 137 -12.21 -7.27 -17.23
CA HIS B 137 -13.50 -7.96 -17.29
C HIS B 137 -14.66 -7.14 -16.68
N ARG B 138 -14.53 -5.81 -16.68
CA ARG B 138 -15.55 -4.85 -16.21
C ARG B 138 -16.04 -5.05 -14.78
N GLU B 139 -15.23 -5.68 -13.92
CA GLU B 139 -15.59 -5.81 -12.51
C GLU B 139 -14.89 -4.68 -11.73
N PRO B 140 -15.60 -4.08 -10.77
CA PRO B 140 -15.03 -3.01 -9.95
C PRO B 140 -14.02 -3.64 -8.99
N PHE B 141 -12.81 -3.12 -8.99
CA PHE B 141 -11.87 -3.67 -8.07
C PHE B 141 -11.11 -2.64 -7.28
N ALA B 142 -11.20 -1.35 -7.69
CA ALA B 142 -10.49 -0.26 -7.01
C ALA B 142 -11.38 0.99 -7.10
N ALA B 143 -11.11 2.00 -6.25
CA ALA B 143 -11.80 3.23 -6.28
C ALA B 143 -10.83 4.33 -5.97
N ILE B 144 -11.04 5.46 -6.61
CA ILE B 144 -10.25 6.64 -6.32
C ILE B 144 -11.12 7.66 -5.63
N SER B 145 -10.55 8.28 -4.59
CA SER B 145 -11.24 9.28 -3.79
C SER B 145 -10.42 10.57 -3.64
N ILE B 146 -11.13 11.71 -3.62
CA ILE B 146 -10.57 13.00 -3.19
C ILE B 146 -11.16 13.14 -1.82
N SER B 147 -10.32 13.47 -0.81
CA SER B 147 -10.79 13.45 0.60
C SER B 147 -10.25 14.73 1.25
N GLY B 148 -11.10 15.51 1.92
CA GLY B 148 -10.61 16.69 2.58
C GLY B 148 -11.64 17.36 3.49
N PRO B 149 -11.24 18.45 4.16
CA PRO B 149 -12.12 19.09 5.15
C PRO B 149 -13.25 19.86 4.47
N ILE B 150 -14.38 19.94 5.16
N ILE B 150 -14.39 19.99 5.14
CA ILE B 150 -15.51 20.68 4.67
CA ILE B 150 -15.53 20.70 4.59
C ILE B 150 -15.21 22.18 4.47
C ILE B 150 -15.26 22.22 4.51
N SER B 151 -14.24 22.67 5.24
CA SER B 151 -13.76 24.08 5.19
C SER B 151 -13.24 24.40 3.77
N ARG B 152 -12.69 23.41 3.10
CA ARG B 152 -12.21 23.52 1.71
C ARG B 152 -13.07 22.86 0.65
N ILE B 153 -13.69 21.69 0.96
CA ILE B 153 -14.61 21.04 0.03
C ILE B 153 -16.00 21.56 0.36
N THR B 154 -16.22 22.81 -0.06
CA THR B 154 -17.47 23.48 0.25
C THR B 154 -18.54 22.98 -0.67
N ASP B 155 -19.80 23.32 -0.41
CA ASP B 155 -20.93 22.79 -1.22
C ASP B 155 -20.83 22.99 -2.70
N ASP B 156 -20.31 24.17 -3.08
CA ASP B 156 -20.20 24.56 -4.44
C ASP B 156 -19.11 23.77 -5.19
N ARG B 157 -18.20 23.10 -4.47
CA ARG B 157 -17.14 22.25 -5.13
C ARG B 157 -17.50 20.77 -5.28
N VAL B 158 -18.63 20.38 -4.72
CA VAL B 158 -19.00 18.96 -4.73
C VAL B 158 -19.15 18.38 -6.15
N THR B 159 -20.02 18.95 -7.02
CA THR B 159 -20.20 18.34 -8.36
C THR B 159 -18.93 18.55 -9.19
N GLU B 160 -18.21 19.65 -8.96
CA GLU B 160 -16.93 19.91 -9.60
C GLU B 160 -15.90 18.79 -9.31
N PHE B 161 -15.74 18.50 -8.02
CA PHE B 161 -14.86 17.38 -7.58
C PHE B 161 -15.37 15.99 -8.09
N GLY B 162 -16.68 15.79 -8.10
CA GLY B 162 -17.34 14.64 -8.73
C GLY B 162 -16.84 14.43 -10.16
N ALA B 163 -16.94 15.49 -10.96
CA ALA B 163 -16.39 15.45 -12.32
C ALA B 163 -14.91 15.09 -12.37
N VAL B 165 -13.12 13.23 -10.27
CA VAL B 165 -12.85 11.86 -9.86
C VAL B 165 -13.35 10.88 -10.91
N ILE B 166 -14.52 11.18 -11.52
CA ILE B 166 -15.00 10.44 -12.72
C ILE B 166 -13.95 10.44 -13.81
N LYS B 167 -13.50 11.61 -14.25
CA LYS B 167 -12.44 11.68 -15.28
C LYS B 167 -11.25 10.81 -14.91
N ALA B 168 -10.69 11.03 -13.72
CA ALA B 168 -9.52 10.27 -13.24
C ALA B 168 -9.71 8.73 -13.21
N ALA B 169 -10.84 8.27 -12.68
CA ALA B 169 -11.16 6.88 -12.55
C ALA B 169 -11.18 6.23 -13.96
N LYS B 170 -11.73 6.95 -14.93
CA LYS B 170 -11.78 6.56 -16.34
C LYS B 170 -10.39 6.37 -16.91
N GLU B 171 -9.51 7.28 -16.52
CA GLU B 171 -8.11 7.22 -16.93
C GLU B 171 -7.37 6.04 -16.36
N VAL B 172 -7.59 5.74 -15.07
CA VAL B 172 -6.99 4.57 -14.43
C VAL B 172 -7.53 3.28 -15.07
N THR B 173 -8.86 3.25 -15.26
CA THR B 173 -9.52 2.11 -15.91
C THR B 173 -8.88 1.75 -17.27
N LEU B 174 -8.74 2.77 -18.12
CA LEU B 174 -8.03 2.66 -19.40
C LEU B 174 -6.63 2.07 -19.22
N ALA B 175 -5.81 2.69 -18.35
CA ALA B 175 -4.44 2.28 -18.08
C ALA B 175 -4.38 0.83 -17.60
N TYR B 176 -5.26 0.43 -16.69
CA TYR B 176 -5.30 -0.96 -16.26
C TYR B 176 -5.52 -1.87 -17.47
N GLY B 177 -6.50 -1.53 -18.28
CA GLY B 177 -6.83 -2.24 -19.52
C GLY B 177 -5.60 -2.38 -20.38
N GLY B 178 -4.87 -1.29 -20.53
CA GLY B 178 -3.59 -1.25 -21.23
C GLY B 178 -2.55 -2.26 -20.78
N GLY C 1 19.04 29.34 26.79
CA GLY C 1 18.92 27.88 26.70
C GLY C 1 18.40 27.42 25.37
N HIS C 2 18.28 26.11 25.23
CA HIS C 2 18.09 25.52 23.93
C HIS C 2 17.41 24.15 24.05
N SER C 4 17.84 21.02 23.59
CA SER C 4 18.88 20.01 23.38
C SER C 4 18.28 18.61 23.17
N ARG C 5 19.11 17.69 22.69
CA ARG C 5 18.61 16.33 22.49
C ARG C 5 18.21 15.77 23.87
N ASN C 6 18.98 16.08 24.94
CA ASN C 6 18.57 15.49 26.25
C ASN C 6 17.22 16.08 26.73
N LEU C 7 17.05 17.39 26.58
CA LEU C 7 15.78 17.99 26.96
C LEU C 7 14.63 17.39 26.12
N LEU C 8 14.91 17.17 24.83
CA LEU C 8 13.89 16.56 23.92
C LEU C 8 13.52 15.17 24.45
N ALA C 9 14.53 14.45 24.94
CA ALA C 9 14.31 13.07 25.49
C ALA C 9 13.33 13.09 26.66
N ILE C 10 13.54 14.06 27.55
CA ILE C 10 12.81 14.02 28.79
C ILE C 10 11.39 14.53 28.64
N VAL C 11 11.16 15.42 27.67
CA VAL C 11 9.85 15.93 27.39
C VAL C 11 9.03 15.25 26.28
N HIS C 12 9.64 14.40 25.46
CA HIS C 12 8.85 13.65 24.51
C HIS C 12 7.67 12.93 25.19
N PRO C 13 7.93 12.19 26.31
CA PRO C 13 6.71 11.69 27.02
C PRO C 13 5.64 12.73 27.35
N ILE C 14 6.01 13.98 27.62
CA ILE C 14 5.02 14.99 27.97
C ILE C 14 4.20 15.30 26.72
N LEU C 15 4.85 15.33 25.56
CA LEU C 15 4.09 15.54 24.33
C LEU C 15 3.15 14.40 23.99
N ARG C 16 3.61 13.17 24.20
CA ARG C 16 2.73 11.98 24.02
C ARG C 16 1.51 12.05 24.94
N ASN C 17 1.74 12.38 26.21
CA ASN C 17 0.63 12.47 27.12
C ASN C 17 -0.32 13.61 26.75
N LEU C 18 0.22 14.73 26.25
CA LEU C 18 -0.62 15.82 25.87
C LEU C 18 -1.50 15.48 24.61
N GLU C 20 -2.51 12.47 23.97
CA GLU C 20 -3.54 11.53 24.46
C GLU C 20 -4.65 12.32 25.17
N GLU C 21 -4.25 13.24 26.05
CA GLU C 21 -5.21 14.04 26.86
C GLU C 21 -6.11 14.93 26.00
N SER C 22 -5.48 15.54 24.99
CA SER C 22 -6.19 16.54 24.16
C SER C 22 -6.95 15.87 23.02
N GLY C 23 -6.39 14.77 22.50
CA GLY C 23 -6.88 14.07 21.31
C GLY C 23 -6.49 14.69 20.00
N GLU C 24 -5.51 15.62 20.04
CA GLU C 24 -5.08 16.36 18.83
C GLU C 24 -3.58 16.36 18.66
N THR C 25 -3.14 16.76 17.46
CA THR C 25 -1.68 16.75 17.20
C THR C 25 -1.02 17.82 18.09
N VAL C 26 0.12 17.45 18.68
CA VAL C 26 0.97 18.30 19.50
C VAL C 26 2.34 18.51 18.84
N ASN C 27 2.77 19.76 18.77
CA ASN C 27 3.99 20.10 18.11
C ASN C 27 4.92 20.76 19.12
N ALA C 29 7.95 23.49 18.74
CA ALA C 29 8.59 24.40 17.80
C ALA C 29 9.71 25.23 18.45
N VAL C 30 10.65 25.62 17.62
CA VAL C 30 11.68 26.59 18.04
C VAL C 30 11.70 27.71 17.00
N LEU C 31 12.43 28.75 17.32
CA LEU C 31 12.51 29.94 16.45
C LEU C 31 13.57 29.82 15.34
N ASP C 32 13.22 30.29 14.16
CA ASP C 32 14.21 30.67 13.17
C ASP C 32 14.32 32.20 13.34
N GLN C 33 15.47 32.65 13.83
CA GLN C 33 15.74 34.08 13.99
C GLN C 33 15.78 34.78 12.61
N SER C 34 16.26 34.01 11.64
CA SER C 34 16.82 34.50 10.37
C SER C 34 15.81 34.40 9.20
N ASP C 35 14.70 33.72 9.44
CA ASP C 35 13.57 33.79 8.52
C ASP C 35 12.41 34.43 9.25
N HIS C 36 12.62 34.77 10.52
CA HIS C 36 11.55 35.05 11.49
C HIS C 36 10.30 34.22 11.22
N GLU C 37 10.46 32.91 11.46
CA GLU C 37 9.36 31.90 11.54
C GLU C 37 9.72 30.87 12.61
N ALA C 38 8.73 30.12 13.06
CA ALA C 38 9.00 28.97 13.91
C ALA C 38 9.14 27.66 13.12
N ILE C 39 9.92 26.73 13.61
CA ILE C 39 10.10 25.49 12.90
C ILE C 39 9.66 24.30 13.85
N ILE C 40 8.85 23.37 13.35
CA ILE C 40 8.51 22.17 14.11
C ILE C 40 9.75 21.26 14.22
N ILE C 41 10.19 21.02 15.45
CA ILE C 41 11.28 20.10 15.68
C ILE C 41 10.87 18.74 16.28
N ASP C 42 9.70 18.69 16.94
CA ASP C 42 9.19 17.40 17.39
C ASP C 42 7.64 17.45 17.31
N GLN C 43 7.01 16.28 17.37
CA GLN C 43 5.55 16.18 17.19
C GLN C 43 5.09 14.84 17.66
N VAL C 44 3.91 14.82 18.23
CA VAL C 44 3.14 13.58 18.30
C VAL C 44 1.78 13.78 17.65
N GLN C 45 1.54 13.12 16.52
CA GLN C 45 0.21 13.32 15.89
C GLN C 45 -0.85 12.50 16.59
N CYS C 46 -2.07 13.01 16.60
CA CYS C 46 -3.24 12.18 16.97
C CYS C 46 -3.58 11.17 15.81
N THR C 47 -4.61 10.35 16.03
CA THR C 47 -4.87 9.26 15.08
C THR C 47 -6.17 9.54 14.30
N HIS C 48 -6.82 10.69 14.56
CA HIS C 48 -7.97 11.11 13.72
C HIS C 48 -7.66 11.20 12.22
N LEU C 49 -8.63 10.76 11.41
CA LEU C 49 -8.53 10.77 9.97
C LEU C 49 -8.23 12.16 9.45
N ARG C 51 -6.85 15.58 10.49
CA ARG C 51 -6.01 16.13 11.58
C ARG C 51 -4.93 17.06 11.03
N SER C 53 -1.25 17.63 10.36
CA SER C 53 -0.25 16.56 10.11
C SER C 53 0.89 17.20 9.33
N ALA C 54 1.16 18.46 9.68
CA ALA C 54 2.34 19.10 9.14
C ALA C 54 3.55 18.31 9.60
N PRO C 55 4.60 18.27 8.77
CA PRO C 55 5.75 17.48 9.20
C PRO C 55 6.78 18.23 10.08
N ILE C 56 7.58 17.43 10.76
CA ILE C 56 8.75 17.96 11.50
C ILE C 56 9.62 18.63 10.40
N GLY C 57 10.19 19.77 10.76
CA GLY C 57 10.82 20.66 9.80
C GLY C 57 9.90 21.68 9.14
N GLY C 58 8.59 21.46 9.17
CA GLY C 58 7.64 22.50 8.73
C GLY C 58 7.74 23.82 9.48
N LYS C 59 7.42 24.90 8.77
CA LYS C 59 7.61 26.25 9.23
C LYS C 59 6.23 26.81 9.61
N LEU C 60 6.16 27.59 10.68
CA LEU C 60 4.85 28.17 11.08
C LEU C 60 5.05 29.69 11.16
N PRO C 61 4.08 30.49 10.68
CA PRO C 61 4.34 31.95 10.62
C PRO C 61 4.23 32.65 11.98
N HIS C 63 2.95 35.57 12.95
CA HIS C 63 1.81 36.40 13.31
C HIS C 63 0.47 35.63 13.26
N ALA C 64 0.48 34.39 12.74
CA ALA C 64 -0.75 33.72 12.25
C ALA C 64 -0.88 32.28 12.75
N SER C 65 0.06 31.82 13.53
CA SER C 65 -0.02 30.53 14.08
C SER C 65 0.00 30.62 15.63
N GLY C 66 -0.44 29.54 16.28
CA GLY C 66 -0.29 29.35 17.74
C GLY C 66 1.19 29.44 18.15
N ALA C 67 2.05 28.57 17.62
CA ALA C 67 3.48 28.59 18.03
C ALA C 67 4.04 30.00 17.73
N GLY C 68 3.70 30.56 16.56
CA GLY C 68 4.28 31.87 16.13
C GLY C 68 3.95 32.96 17.11
N LYS C 69 2.65 33.12 17.41
CA LYS C 69 2.16 34.17 18.31
C LYS C 69 2.58 33.96 19.78
N ALA C 70 2.69 32.68 20.18
CA ALA C 70 3.21 32.35 21.54
C ALA C 70 4.58 33.02 21.74
N PHE C 71 5.44 32.80 20.76
CA PHE C 71 6.78 33.37 20.72
C PHE C 71 6.67 34.88 20.58
N LEU C 72 5.87 35.36 19.63
CA LEU C 72 5.81 36.79 19.42
C LEU C 72 5.36 37.58 20.62
N ALA C 73 4.45 37.02 21.43
CA ALA C 73 3.96 37.73 22.62
C ALA C 73 5.06 37.90 23.68
N GLN C 74 6.14 37.13 23.55
CA GLN C 74 7.26 36.99 24.54
C GLN C 74 8.64 37.46 24.11
N LEU C 75 8.76 37.86 22.84
CA LEU C 75 10.03 38.37 22.34
C LEU C 75 10.12 39.89 22.58
N SER C 76 11.37 40.38 22.53
CA SER C 76 11.70 41.78 22.83
C SER C 76 10.99 42.69 21.82
N GLU C 77 10.76 43.94 22.21
CA GLU C 77 10.09 44.87 21.33
C GLU C 77 10.91 44.93 20.04
N GLU C 78 12.23 44.80 20.14
CA GLU C 78 13.10 44.94 18.96
C GLU C 78 12.97 43.79 17.96
N GLN C 79 12.74 42.60 18.49
CA GLN C 79 12.47 41.45 17.65
C GLN C 79 11.06 41.56 17.00
N VAL C 80 10.06 41.99 17.77
CA VAL C 80 8.70 42.17 17.25
C VAL C 80 8.67 43.19 16.14
N THR C 81 9.34 44.30 16.36
CA THR C 81 9.43 45.37 15.37
C THR C 81 10.11 44.91 14.05
N LYS C 82 11.24 44.20 14.22
CA LYS C 82 11.95 43.59 13.09
C LYS C 82 11.03 42.62 12.33
N LEU C 83 10.26 41.79 13.05
CA LEU C 83 9.28 40.92 12.36
C LEU C 83 8.35 41.80 11.53
N LEU C 84 7.75 42.79 12.19
CA LEU C 84 6.66 43.54 11.62
C LEU C 84 7.09 44.24 10.34
N HIS C 85 8.27 44.84 10.40
CA HIS C 85 8.73 45.67 9.33
C HIS C 85 9.46 44.91 8.27
N ARG C 86 10.22 43.88 8.64
CA ARG C 86 11.01 43.14 7.65
C ARG C 86 10.23 42.01 6.99
N LYS C 87 9.48 41.28 7.79
CA LYS C 87 8.84 40.05 7.34
C LYS C 87 7.44 40.40 6.81
N GLY C 88 6.71 41.25 7.54
CA GLY C 88 5.39 41.66 7.10
C GLY C 88 4.34 40.65 7.57
N LEU C 89 3.07 41.03 7.54
CA LEU C 89 1.90 40.19 7.98
C LEU C 89 1.01 39.58 6.82
N HIS C 90 1.48 38.50 6.23
CA HIS C 90 0.70 37.91 5.11
C HIS C 90 -0.73 37.49 5.56
N ALA C 91 -1.78 37.89 4.80
CA ALA C 91 -3.17 37.41 5.05
C ALA C 91 -3.40 36.00 4.54
N TYR C 92 -3.35 35.01 5.43
CA TYR C 92 -3.72 33.63 5.03
C TYR C 92 -5.24 33.50 4.77
N THR C 93 -6.01 34.10 5.66
CA THR C 93 -7.44 33.95 5.68
C THR C 93 -8.07 35.28 6.01
N HIS C 94 -9.41 35.32 5.91
CA HIS C 94 -10.16 36.44 6.43
C HIS C 94 -9.98 36.75 7.94
N ALA C 95 -9.37 35.83 8.72
CA ALA C 95 -9.19 35.99 10.17
C ALA C 95 -7.79 36.41 10.58
N THR C 96 -6.85 36.29 9.65
CA THR C 96 -5.43 36.65 9.90
C THR C 96 -5.32 38.07 10.42
N LEU C 97 -4.58 38.23 11.51
CA LEU C 97 -4.33 39.53 12.10
C LEU C 97 -3.27 40.22 11.22
N VAL C 98 -3.75 41.14 10.38
CA VAL C 98 -2.88 41.81 9.39
C VAL C 98 -2.60 43.27 9.74
N SER C 99 -3.33 43.76 10.72
CA SER C 99 -3.17 45.10 11.26
C SER C 99 -2.29 45.05 12.50
N PRO C 100 -1.18 45.86 12.52
CA PRO C 100 -0.28 45.86 13.68
C PRO C 100 -1.03 46.10 15.00
N VAL C 101 -2.05 46.94 14.98
CA VAL C 101 -2.86 47.17 16.17
C VAL C 101 -3.66 45.95 16.65
N HIS C 102 -4.36 45.25 15.76
CA HIS C 102 -5.12 44.08 16.23
C HIS C 102 -4.16 42.94 16.67
N LEU C 103 -3.00 42.83 16.01
CA LEU C 103 -1.95 41.84 16.34
C LEU C 103 -1.38 42.13 17.72
N LYS C 104 -1.03 43.41 17.93
CA LYS C 104 -0.39 43.78 19.19
C LYS C 104 -1.36 43.48 20.37
N GLU C 105 -2.64 43.75 20.16
CA GLU C 105 -3.63 43.50 21.18
C GLU C 105 -3.83 42.00 21.45
N ASP C 106 -3.96 41.20 20.36
CA ASP C 106 -4.02 39.73 20.48
C ASP C 106 -2.80 39.27 21.28
N LEU C 107 -1.61 39.87 21.04
CA LEU C 107 -0.40 39.51 21.80
C LEU C 107 -0.48 39.85 23.30
N ALA C 108 -1.07 41.01 23.59
CA ALA C 108 -1.33 41.42 24.99
C ALA C 108 -2.30 40.46 25.70
N GLN C 109 -3.43 40.12 25.04
CA GLN C 109 -4.36 39.05 25.53
C GLN C 109 -3.64 37.71 25.78
N THR C 110 -2.83 37.28 24.82
CA THR C 110 -1.96 36.07 24.96
C THR C 110 -1.11 36.04 26.24
N ARG C 111 -0.35 37.10 26.50
CA ARG C 111 0.46 37.23 27.71
C ARG C 111 -0.40 37.09 28.98
N LYS C 112 -1.57 37.71 28.94
CA LYS C 112 -2.49 37.79 30.09
C LYS C 112 -3.09 36.43 30.46
N ARG C 113 -3.64 35.74 29.46
CA ARG C 113 -4.25 34.41 29.66
C ARG C 113 -3.18 33.25 29.73
N GLY C 114 -1.97 33.46 29.18
CA GLY C 114 -0.88 32.45 29.32
C GLY C 114 -0.75 31.49 28.13
N TYR C 115 -1.53 31.75 27.10
CA TYR C 115 -1.48 30.92 25.88
C TYR C 115 -1.92 31.73 24.67
N SER C 116 -1.33 31.42 23.51
CA SER C 116 -1.82 31.94 22.24
C SER C 116 -2.94 31.04 21.67
N PHE C 117 -3.70 31.59 20.72
CA PHE C 117 -4.84 30.95 20.08
C PHE C 117 -4.92 31.44 18.64
N ASP C 118 -4.57 30.54 17.72
CA ASP C 118 -4.79 30.69 16.30
C ASP C 118 -6.17 30.16 16.01
N ASP C 119 -7.03 31.11 15.70
CA ASP C 119 -8.40 30.78 15.37
C ASP C 119 -8.69 30.88 13.85
N GLU C 120 -8.33 29.85 13.09
CA GLU C 120 -8.40 29.85 11.62
C GLU C 120 -7.65 31.05 10.94
N GLU C 121 -6.54 31.45 11.55
CA GLU C 121 -5.72 32.59 11.04
C GLU C 121 -4.65 32.11 10.08
N HIS C 122 -4.29 30.83 10.19
CA HIS C 122 -3.27 30.21 9.30
C HIS C 122 -3.93 29.43 8.22
N ALA C 123 -5.03 28.72 8.54
CA ALA C 123 -5.66 27.88 7.52
C ALA C 123 -7.12 27.70 7.89
N LEU C 124 -7.97 27.69 6.88
CA LEU C 124 -9.44 27.55 7.15
C LEU C 124 -9.68 26.23 7.85
N GLY C 125 -10.45 26.27 8.94
CA GLY C 125 -10.77 25.05 9.68
C GLY C 125 -9.74 24.55 10.70
N LEU C 126 -8.58 25.21 10.76
CA LEU C 126 -7.50 24.89 11.73
C LEU C 126 -7.48 25.87 12.91
N ARG C 127 -7.42 25.30 14.10
CA ARG C 127 -7.16 26.01 15.30
C ARG C 127 -5.94 25.45 15.99
N CYS C 128 -5.19 26.30 16.66
CA CYS C 128 -4.07 25.93 17.50
C CYS C 128 -3.98 26.79 18.73
N LEU C 129 -3.55 26.15 19.81
CA LEU C 129 -3.24 26.79 21.12
C LEU C 129 -1.77 26.52 21.45
N ALA C 130 -1.06 27.49 22.00
CA ALA C 130 0.31 27.29 22.33
C ALA C 130 0.80 28.06 23.57
N ALA C 131 1.90 27.60 24.12
CA ALA C 131 2.59 28.33 25.18
C ALA C 131 4.10 28.18 25.04
N CYS C 132 4.86 29.17 25.55
CA CYS C 132 6.34 29.14 25.45
C CYS C 132 7.03 28.37 26.59
N ILE C 133 8.25 27.95 26.28
CA ILE C 133 9.15 27.33 27.22
C ILE C 133 10.23 28.37 27.46
N PHE C 134 10.55 28.61 28.74
CA PHE C 134 11.48 29.70 29.15
C PHE C 134 12.75 29.26 29.75
N ASP C 135 13.85 29.94 29.42
CA ASP C 135 15.11 29.65 30.07
C ASP C 135 15.37 30.55 31.35
N GLU C 136 16.58 30.46 31.91
CA GLU C 136 17.00 31.17 33.10
C GLU C 136 17.07 32.70 32.92
N HIS C 137 17.09 33.16 31.66
CA HIS C 137 16.99 34.57 31.25
C HIS C 137 15.56 35.02 31.03
N ARG C 138 14.58 34.13 31.28
CA ARG C 138 13.16 34.37 30.94
C ARG C 138 12.95 34.67 29.47
N GLU C 139 13.73 34.02 28.63
N GLU C 139 13.77 34.04 28.62
CA GLU C 139 13.52 34.14 27.20
CA GLU C 139 13.66 34.10 27.16
C GLU C 139 12.89 32.85 26.65
C GLU C 139 12.89 32.85 26.66
N PRO C 140 11.93 33.02 25.72
CA PRO C 140 11.21 31.86 25.16
C PRO C 140 12.17 31.20 24.19
N PHE C 141 12.46 29.90 24.38
CA PHE C 141 13.34 29.23 23.42
C PHE C 141 12.67 28.04 22.69
N ALA C 142 11.40 27.87 22.98
CA ALA C 142 10.58 26.83 22.38
C ALA C 142 9.12 27.09 22.74
N ALA C 143 8.20 26.43 22.04
CA ALA C 143 6.76 26.58 22.27
C ALA C 143 6.10 25.23 21.91
N ILE C 144 5.13 24.83 22.71
CA ILE C 144 4.37 23.62 22.43
C ILE C 144 3.01 24.14 21.89
N SER C 145 2.54 23.55 20.79
CA SER C 145 1.19 23.89 20.30
C SER C 145 0.39 22.57 20.20
N ILE C 146 -0.90 22.67 20.42
CA ILE C 146 -1.90 21.65 20.12
C ILE C 146 -2.71 22.18 18.91
N SER C 147 -2.92 21.37 17.87
CA SER C 147 -3.36 21.87 16.57
C SER C 147 -4.45 20.89 16.11
N GLY C 148 -5.59 21.39 15.71
CA GLY C 148 -6.59 20.49 15.12
C GLY C 148 -7.80 21.19 14.51
N PRO C 149 -8.72 20.41 13.94
CA PRO C 149 -9.88 20.95 13.23
C PRO C 149 -10.83 21.59 14.25
N ILE C 150 -11.46 22.67 13.83
CA ILE C 150 -12.59 23.33 14.49
C ILE C 150 -13.78 22.38 14.78
N SER C 151 -13.98 21.35 13.94
CA SER C 151 -15.03 20.32 14.19
C SER C 151 -14.80 19.71 15.57
N ARG C 152 -13.54 19.68 16.01
CA ARG C 152 -13.21 19.05 17.26
C ARG C 152 -12.78 20.02 18.30
N ILE C 153 -11.91 20.98 17.93
CA ILE C 153 -11.56 22.01 18.85
C ILE C 153 -12.69 23.12 18.86
N THR C 154 -13.80 22.83 19.55
CA THR C 154 -15.00 23.71 19.47
C THR C 154 -14.85 24.84 20.50
N ASP C 155 -15.66 25.91 20.40
CA ASP C 155 -15.50 27.04 21.30
C ASP C 155 -15.47 26.74 22.81
N ASP C 156 -16.31 25.79 23.24
CA ASP C 156 -16.40 25.38 24.65
C ASP C 156 -15.19 24.59 25.12
N ARG C 157 -14.33 24.17 24.18
CA ARG C 157 -13.07 23.48 24.53
C ARG C 157 -11.82 24.40 24.55
N VAL C 158 -11.89 25.62 23.99
CA VAL C 158 -10.68 26.48 23.91
C VAL C 158 -9.92 26.69 25.22
N THR C 159 -10.60 27.12 26.30
CA THR C 159 -9.93 27.33 27.62
C THR C 159 -9.32 26.07 28.18
N GLU C 160 -10.03 24.96 27.95
N GLU C 160 -9.94 24.90 27.97
CA GLU C 160 -9.56 23.61 28.22
CA GLU C 160 -9.29 23.66 28.42
C GLU C 160 -8.17 23.39 27.61
C GLU C 160 -8.06 23.27 27.59
N PHE C 161 -8.11 23.53 26.30
CA PHE C 161 -6.86 23.39 25.50
C PHE C 161 -5.77 24.35 26.01
N GLY C 162 -6.17 25.60 26.32
CA GLY C 162 -5.35 26.61 26.97
C GLY C 162 -4.65 26.07 28.20
N ALA C 163 -5.46 25.53 29.13
CA ALA C 163 -4.94 25.04 30.40
C ALA C 163 -3.97 23.89 30.13
N VAL C 165 -2.05 23.24 27.49
CA VAL C 165 -0.80 23.68 26.86
C VAL C 165 0.09 24.44 27.88
N ILE C 166 -0.55 25.26 28.69
CA ILE C 166 0.11 25.91 29.85
C ILE C 166 0.81 24.93 30.73
N LYS C 167 0.08 23.92 31.15
N LYS C 167 0.10 23.91 31.19
CA LYS C 167 0.66 22.92 32.01
CA LYS C 167 0.74 22.88 32.03
C LYS C 167 1.84 22.18 31.36
C LYS C 167 1.91 22.21 31.33
N ALA C 168 1.73 21.77 30.07
CA ALA C 168 2.78 21.07 29.36
C ALA C 168 4.06 21.95 29.17
N ALA C 169 3.83 23.21 28.77
CA ALA C 169 4.91 24.25 28.66
C ALA C 169 5.62 24.40 30.03
N LYS C 170 4.82 24.55 31.07
CA LYS C 170 5.35 24.68 32.43
C LYS C 170 6.23 23.48 32.76
N GLU C 171 5.75 22.26 32.44
CA GLU C 171 6.54 21.09 32.81
C GLU C 171 7.90 21.08 32.11
N VAL C 172 7.89 21.55 30.86
CA VAL C 172 9.14 21.60 30.11
C VAL C 172 10.11 22.69 30.66
N THR C 173 9.60 23.86 30.95
CA THR C 173 10.34 24.99 31.63
C THR C 173 10.96 24.52 32.94
N LEU C 174 10.16 23.88 33.76
CA LEU C 174 10.67 23.29 35.00
C LEU C 174 11.69 22.21 34.76
N ALA C 175 11.54 21.39 33.71
CA ALA C 175 12.46 20.29 33.40
C ALA C 175 13.78 20.88 32.95
N TYR C 176 13.72 21.96 32.19
CA TYR C 176 14.93 22.67 31.81
C TYR C 176 15.64 23.28 33.05
N GLY C 177 14.88 23.94 33.94
CA GLY C 177 15.45 24.45 35.19
C GLY C 177 16.16 23.32 35.95
N GLY C 178 15.55 22.12 35.97
CA GLY C 178 16.14 20.99 36.77
C GLY C 178 17.48 20.58 36.20
N ARG C 180 19.48 22.45 34.54
CA ARG C 180 20.46 23.47 34.69
C ARG C 180 20.96 23.51 36.14
N GLY C 181 20.11 23.09 37.08
CA GLY C 181 20.49 23.09 38.48
C GLY C 181 21.13 21.76 38.85
N SER C 182 21.74 21.09 37.86
CA SER C 182 22.28 19.75 38.06
C SER C 182 23.40 19.45 37.05
N SER D 4 -5.04 -12.47 -34.45
CA SER D 4 -5.80 -11.29 -34.97
C SER D 4 -6.18 -10.33 -33.84
N ARG D 5 -7.47 -10.34 -33.39
CA ARG D 5 -8.04 -9.25 -32.60
C ARG D 5 -9.50 -9.54 -32.13
N ASN D 6 -10.41 -9.74 -33.08
CA ASN D 6 -11.66 -10.46 -32.75
C ASN D 6 -11.36 -11.95 -32.42
N LEU D 7 -10.24 -12.44 -32.97
CA LEU D 7 -9.68 -13.77 -32.64
C LEU D 7 -9.17 -13.70 -31.22
N LEU D 8 -8.34 -12.69 -30.94
CA LEU D 8 -7.81 -12.47 -29.58
C LEU D 8 -8.95 -12.46 -28.58
N ALA D 9 -10.04 -11.75 -28.93
CA ALA D 9 -11.27 -11.69 -28.14
C ALA D 9 -11.96 -13.02 -27.85
N ILE D 10 -12.09 -13.92 -28.84
CA ILE D 10 -12.51 -15.33 -28.60
C ILE D 10 -11.55 -16.15 -27.80
N VAL D 11 -10.28 -16.01 -28.08
CA VAL D 11 -9.25 -16.78 -27.36
C VAL D 11 -9.34 -16.49 -25.87
N HIS D 12 -9.55 -15.22 -25.52
CA HIS D 12 -9.40 -14.82 -24.13
C HIS D 12 -10.25 -15.61 -23.14
N PRO D 13 -11.56 -15.78 -23.40
CA PRO D 13 -12.35 -16.60 -22.43
C PRO D 13 -11.89 -18.07 -22.37
N ILE D 14 -11.32 -18.59 -23.47
CA ILE D 14 -10.74 -19.95 -23.49
C ILE D 14 -9.57 -20.02 -22.52
N LEU D 15 -8.71 -19.01 -22.57
CA LEU D 15 -7.63 -18.88 -21.57
C LEU D 15 -8.16 -18.77 -20.13
N ARG D 16 -9.15 -17.90 -19.89
CA ARG D 16 -9.76 -17.73 -18.55
C ARG D 16 -10.27 -19.08 -17.99
N ASN D 17 -11.01 -19.81 -18.80
CA ASN D 17 -11.51 -21.11 -18.39
C ASN D 17 -10.43 -22.19 -18.11
N LEU D 18 -9.37 -22.15 -18.91
CA LEU D 18 -8.22 -23.02 -18.72
C LEU D 18 -7.47 -22.71 -17.38
N GLU D 20 -8.86 -21.42 -14.78
CA GLU D 20 -9.78 -21.88 -13.74
C GLU D 20 -9.73 -23.39 -13.62
N GLU D 21 -9.70 -24.08 -14.73
CA GLU D 21 -9.69 -25.51 -14.71
C GLU D 21 -8.37 -26.15 -14.21
N SER D 22 -7.23 -25.54 -14.57
CA SER D 22 -5.89 -26.02 -14.27
C SER D 22 -5.44 -25.50 -12.92
N GLY D 23 -5.91 -24.29 -12.50
CA GLY D 23 -5.40 -23.56 -11.33
C GLY D 23 -4.09 -22.86 -11.52
N GLU D 24 -3.61 -22.85 -12.77
CA GLU D 24 -2.32 -22.31 -13.04
C GLU D 24 -2.44 -21.21 -14.06
N THR D 25 -1.39 -20.39 -14.10
CA THR D 25 -1.26 -19.39 -15.14
C THR D 25 -1.26 -20.00 -16.56
N VAL D 26 -1.92 -19.28 -17.46
CA VAL D 26 -2.05 -19.68 -18.82
C VAL D 26 -1.57 -18.56 -19.73
N ASN D 27 -0.86 -18.97 -20.79
CA ASN D 27 -0.29 -18.04 -21.75
C ASN D 27 -0.67 -18.42 -23.17
N ALA D 29 1.12 -17.56 -26.95
CA ALA D 29 2.34 -17.05 -27.56
C ALA D 29 2.30 -17.28 -29.07
N VAL D 30 3.07 -16.45 -29.78
CA VAL D 30 3.30 -16.61 -31.24
C VAL D 30 4.82 -16.78 -31.47
N LEU D 31 5.21 -17.28 -32.62
CA LEU D 31 6.60 -17.63 -32.87
C LEU D 31 7.39 -16.42 -33.42
N ASP D 32 8.54 -16.13 -32.80
CA ASP D 32 9.56 -15.23 -33.41
C ASP D 32 10.35 -16.00 -34.49
N GLN D 33 10.06 -15.67 -35.74
CA GLN D 33 10.68 -16.37 -36.89
C GLN D 33 12.20 -16.19 -36.99
N SER D 34 12.71 -15.09 -36.46
CA SER D 34 14.16 -14.91 -36.32
C SER D 34 14.79 -16.02 -35.43
N ASP D 35 14.60 -15.94 -34.10
CA ASP D 35 15.18 -16.90 -33.14
C ASP D 35 14.35 -18.15 -32.74
N HIS D 36 13.11 -18.25 -33.22
CA HIS D 36 12.19 -19.35 -32.84
C HIS D 36 11.86 -19.42 -31.34
N GLU D 37 12.09 -18.30 -30.66
CA GLU D 37 11.45 -18.01 -29.38
C GLU D 37 9.94 -17.75 -29.47
N ALA D 38 9.22 -18.09 -28.42
CA ALA D 38 7.79 -17.82 -28.41
C ALA D 38 7.53 -16.54 -27.65
N ILE D 39 6.82 -15.62 -28.26
CA ILE D 39 6.56 -14.35 -27.63
C ILE D 39 5.17 -14.44 -27.01
N ILE D 40 5.07 -14.17 -25.72
CA ILE D 40 3.78 -14.11 -25.03
C ILE D 40 2.94 -12.90 -25.47
N ILE D 41 1.76 -13.16 -26.04
CA ILE D 41 0.88 -12.07 -26.47
C ILE D 41 -0.41 -11.97 -25.63
N ASP D 42 -0.77 -13.03 -24.89
CA ASP D 42 -1.84 -12.91 -23.93
C ASP D 42 -1.60 -13.91 -22.76
N GLN D 43 -2.29 -13.69 -21.65
CA GLN D 43 -2.03 -14.38 -20.40
C GLN D 43 -3.22 -14.20 -19.48
N VAL D 44 -3.55 -15.27 -18.76
CA VAL D 44 -4.44 -15.18 -17.62
C VAL D 44 -3.76 -15.85 -16.42
N GLN D 45 -3.38 -15.06 -15.42
CA GLN D 45 -2.64 -15.60 -14.26
C GLN D 45 -3.61 -16.25 -13.30
N CYS D 46 -3.18 -17.28 -12.58
CA CYS D 46 -4.00 -17.80 -11.48
C CYS D 46 -3.83 -16.89 -10.26
N THR D 47 -4.51 -17.23 -9.19
CA THR D 47 -4.49 -16.34 -8.05
C THR D 47 -3.61 -16.87 -6.90
N HIS D 48 -2.91 -18.01 -7.12
CA HIS D 48 -1.93 -18.55 -6.15
C HIS D 48 -0.87 -17.51 -5.79
N LEU D 49 -0.51 -17.42 -4.51
CA LEU D 49 0.58 -16.49 -4.10
C LEU D 49 1.86 -16.77 -4.92
N ARG D 51 3.38 -18.32 -8.25
CA ARG D 51 2.86 -18.70 -9.58
C ARG D 51 3.78 -18.23 -10.68
N SER D 53 4.59 -15.87 -13.74
CA SER D 53 4.18 -14.48 -13.94
C SER D 53 5.13 -13.82 -14.92
N ALA D 54 5.45 -14.50 -16.00
CA ALA D 54 6.19 -13.86 -17.06
C ALA D 54 5.32 -12.72 -17.63
N PRO D 55 5.99 -11.64 -18.11
CA PRO D 55 5.23 -10.55 -18.67
C PRO D 55 4.81 -10.76 -20.15
N ILE D 56 3.71 -10.10 -20.55
CA ILE D 56 3.39 -9.92 -21.98
C ILE D 56 4.54 -9.32 -22.83
N GLY D 57 4.80 -9.92 -23.97
CA GLY D 57 5.97 -9.60 -24.77
C GLY D 57 7.23 -10.30 -24.30
N GLY D 58 7.17 -10.91 -23.11
CA GLY D 58 8.26 -11.82 -22.64
C GLY D 58 8.50 -12.97 -23.64
N LYS D 59 9.74 -13.42 -23.74
CA LYS D 59 10.05 -14.49 -24.70
C LYS D 59 10.44 -15.80 -24.01
N LEU D 60 9.88 -16.89 -24.48
CA LEU D 60 10.18 -18.22 -23.94
C LEU D 60 11.11 -18.91 -24.95
N PRO D 61 12.20 -19.55 -24.45
CA PRO D 61 13.22 -20.15 -25.29
C PRO D 61 12.75 -21.26 -26.22
N HIS D 63 14.17 -24.07 -27.30
CA HIS D 63 14.44 -25.49 -27.05
C HIS D 63 14.07 -25.92 -25.62
N ALA D 64 13.56 -24.96 -24.83
CA ALA D 64 13.62 -25.12 -23.35
C ALA D 64 12.37 -24.68 -22.60
N SER D 65 11.33 -24.31 -23.35
CA SER D 65 10.04 -23.93 -22.82
C SER D 65 8.95 -24.80 -23.43
N GLY D 66 7.80 -24.80 -22.78
CA GLY D 66 6.64 -25.48 -23.35
C GLY D 66 6.27 -24.90 -24.71
N ALA D 67 6.08 -23.58 -24.75
CA ALA D 67 5.61 -22.95 -26.01
C ALA D 67 6.69 -23.13 -27.13
N GLY D 68 7.97 -22.86 -26.80
CA GLY D 68 9.17 -23.09 -27.72
C GLY D 68 9.10 -24.48 -28.34
N LYS D 69 9.09 -25.51 -27.50
CA LYS D 69 9.17 -26.85 -27.96
C LYS D 69 7.90 -27.33 -28.69
N ALA D 70 6.73 -26.78 -28.31
CA ALA D 70 5.51 -27.05 -29.04
C ALA D 70 5.64 -26.61 -30.53
N PHE D 71 6.15 -25.41 -30.74
CA PHE D 71 6.40 -24.90 -32.08
C PHE D 71 7.48 -25.74 -32.81
N LEU D 72 8.61 -25.96 -32.12
CA LEU D 72 9.75 -26.70 -32.68
C LEU D 72 9.37 -28.11 -33.12
N ALA D 73 8.44 -28.71 -32.38
CA ALA D 73 7.99 -30.08 -32.65
C ALA D 73 7.27 -30.21 -34.00
N GLN D 74 6.82 -29.10 -34.58
CA GLN D 74 6.05 -29.10 -35.81
C GLN D 74 6.95 -29.08 -37.04
N LEU D 75 8.23 -28.78 -36.81
CA LEU D 75 9.21 -28.62 -37.89
C LEU D 75 9.75 -29.99 -38.25
N SER D 76 10.35 -30.10 -39.43
CA SER D 76 10.97 -31.38 -39.86
C SER D 76 12.30 -31.58 -39.16
N GLU D 77 12.82 -32.80 -39.25
CA GLU D 77 14.15 -33.19 -38.71
C GLU D 77 15.26 -32.25 -39.15
N GLU D 78 15.24 -31.94 -40.45
CA GLU D 78 16.26 -31.11 -41.09
C GLU D 78 16.13 -29.68 -40.65
N GLN D 79 14.92 -29.16 -40.76
CA GLN D 79 14.65 -27.86 -40.22
C GLN D 79 15.18 -27.67 -38.81
N VAL D 80 14.94 -28.63 -37.92
CA VAL D 80 15.36 -28.48 -36.53
C VAL D 80 16.91 -28.63 -36.49
N THR D 81 17.44 -29.58 -37.26
CA THR D 81 18.96 -29.75 -37.36
C THR D 81 19.64 -28.41 -37.74
N LYS D 82 19.02 -27.67 -38.66
CA LYS D 82 19.54 -26.40 -39.10
C LYS D 82 19.41 -25.33 -38.01
N LEU D 83 18.24 -25.24 -37.39
CA LEU D 83 18.04 -24.29 -36.30
C LEU D 83 18.96 -24.51 -35.12
N LEU D 84 19.19 -25.77 -34.74
CA LEU D 84 20.11 -26.06 -33.63
C LEU D 84 21.56 -25.68 -33.98
N HIS D 85 21.94 -25.98 -35.23
CA HIS D 85 23.25 -25.64 -35.82
C HIS D 85 23.53 -24.13 -35.73
N ARG D 86 22.47 -23.34 -35.88
N ARG D 86 22.45 -23.34 -35.81
CA ARG D 86 22.51 -21.89 -35.89
CA ARG D 86 22.45 -21.89 -35.97
C ARG D 86 22.52 -21.27 -34.49
C ARG D 86 22.23 -21.09 -34.67
N LYS D 87 21.53 -21.67 -33.70
CA LYS D 87 21.06 -20.97 -32.49
C LYS D 87 21.73 -21.49 -31.24
N GLY D 88 22.19 -22.73 -31.30
CA GLY D 88 22.73 -23.38 -30.12
C GLY D 88 21.65 -23.66 -29.08
N LEU D 89 22.07 -24.40 -28.07
CA LEU D 89 21.20 -24.93 -27.03
C LEU D 89 21.70 -24.48 -25.65
N HIS D 90 21.52 -23.20 -25.39
CA HIS D 90 21.82 -22.60 -24.10
C HIS D 90 21.29 -23.43 -22.93
N ALA D 91 22.13 -23.68 -21.92
CA ALA D 91 21.70 -24.50 -20.76
C ALA D 91 21.14 -23.60 -19.67
N TYR D 92 19.82 -23.47 -19.59
CA TYR D 92 19.20 -22.64 -18.55
C TYR D 92 19.38 -23.24 -17.18
N THR D 93 19.23 -24.55 -17.11
CA THR D 93 19.23 -25.32 -15.89
C THR D 93 19.90 -26.64 -16.20
N HIS D 94 20.13 -27.45 -15.16
CA HIS D 94 20.64 -28.80 -15.39
C HIS D 94 19.70 -29.75 -16.10
N ALA D 95 18.41 -29.39 -16.26
CA ALA D 95 17.46 -30.26 -16.99
C ALA D 95 17.33 -29.91 -18.50
N THR D 96 17.80 -28.70 -18.88
CA THR D 96 17.71 -28.23 -20.24
C THR D 96 18.22 -29.34 -21.18
N LEU D 97 17.48 -29.62 -22.26
CA LEU D 97 17.92 -30.55 -23.30
C LEU D 97 18.96 -29.86 -24.20
N VAL D 98 20.22 -30.18 -23.97
CA VAL D 98 21.30 -29.51 -24.66
C VAL D 98 21.92 -30.45 -25.71
N SER D 99 21.46 -31.70 -25.74
CA SER D 99 21.82 -32.71 -26.78
C SER D 99 20.76 -32.79 -27.90
N PRO D 100 21.19 -32.74 -29.20
CA PRO D 100 20.22 -32.78 -30.29
C PRO D 100 19.49 -34.05 -30.36
N VAL D 101 20.15 -35.15 -30.05
CA VAL D 101 19.43 -36.41 -30.09
C VAL D 101 18.34 -36.40 -28.99
N HIS D 102 18.66 -35.94 -27.78
CA HIS D 102 17.70 -35.88 -26.64
C HIS D 102 16.53 -34.94 -26.94
N LEU D 103 16.87 -33.76 -27.47
CA LEU D 103 15.83 -32.80 -27.85
C LEU D 103 14.92 -33.37 -28.92
N LYS D 104 15.54 -33.92 -29.98
CA LYS D 104 14.77 -34.54 -31.03
C LYS D 104 13.90 -35.66 -30.54
N GLU D 105 14.40 -36.46 -29.60
CA GLU D 105 13.55 -37.51 -29.04
C GLU D 105 12.28 -36.90 -28.36
N ASP D 106 12.52 -35.85 -27.59
CA ASP D 106 11.48 -35.12 -26.87
C ASP D 106 10.46 -34.52 -27.81
N LEU D 107 10.90 -33.95 -28.93
CA LEU D 107 9.98 -33.45 -29.94
C LEU D 107 9.11 -34.55 -30.60
N ALA D 108 9.72 -35.71 -30.86
CA ALA D 108 9.01 -36.91 -31.39
C ALA D 108 7.86 -37.30 -30.42
N GLN D 109 8.23 -37.40 -29.15
CA GLN D 109 7.25 -37.71 -28.08
C GLN D 109 6.18 -36.63 -27.95
N THR D 110 6.59 -35.37 -28.16
CA THR D 110 5.64 -34.24 -28.10
C THR D 110 4.55 -34.42 -29.19
N ARG D 111 4.97 -34.77 -30.40
CA ARG D 111 4.03 -35.00 -31.53
C ARG D 111 3.11 -36.16 -31.21
N LYS D 112 3.67 -37.21 -30.61
CA LYS D 112 2.95 -38.46 -30.29
C LYS D 112 1.86 -38.21 -29.24
N ARG D 113 2.20 -37.48 -28.19
CA ARG D 113 1.23 -37.28 -27.09
C ARG D 113 0.29 -36.03 -27.25
N GLY D 114 0.65 -35.14 -28.18
CA GLY D 114 -0.23 -33.97 -28.44
C GLY D 114 0.09 -32.72 -27.61
N TYR D 115 1.09 -32.81 -26.74
CA TYR D 115 1.54 -31.67 -25.94
C TYR D 115 3.04 -31.68 -25.66
N SER D 116 3.63 -30.46 -25.57
CA SER D 116 5.03 -30.35 -25.14
C SER D 116 4.99 -30.26 -23.58
N PHE D 117 6.12 -30.60 -22.99
CA PHE D 117 6.28 -30.62 -21.51
C PHE D 117 7.68 -30.11 -21.20
N ASP D 118 7.70 -28.91 -20.63
CA ASP D 118 8.90 -28.29 -20.01
C ASP D 118 9.00 -28.73 -18.54
N ASP D 119 9.98 -29.55 -18.26
CA ASP D 119 10.16 -30.15 -16.96
C ASP D 119 11.42 -29.54 -16.31
N GLU D 120 11.22 -28.34 -15.75
CA GLU D 120 12.28 -27.50 -15.18
C GLU D 120 13.47 -27.30 -16.14
N GLU D 121 13.17 -27.24 -17.43
CA GLU D 121 14.18 -26.94 -18.42
C GLU D 121 14.49 -25.47 -18.62
N HIS D 122 13.55 -24.61 -18.23
CA HIS D 122 13.72 -23.19 -18.45
C HIS D 122 14.10 -22.55 -17.12
N ALA D 123 13.52 -23.04 -16.04
CA ALA D 123 13.83 -22.52 -14.74
C ALA D 123 13.55 -23.60 -13.70
N LEU D 124 14.41 -23.70 -12.70
CA LEU D 124 14.15 -24.61 -11.56
C LEU D 124 12.79 -24.35 -10.90
N GLY D 125 12.11 -25.43 -10.57
CA GLY D 125 10.77 -25.34 -9.95
C GLY D 125 9.61 -25.13 -10.92
N LEU D 126 9.93 -24.83 -12.17
CA LEU D 126 8.91 -24.43 -13.20
C LEU D 126 8.60 -25.54 -14.19
N ARG D 127 7.33 -25.89 -14.29
CA ARG D 127 6.84 -26.74 -15.33
C ARG D 127 5.83 -26.05 -16.28
N CYS D 128 5.86 -26.41 -17.55
CA CYS D 128 4.84 -25.93 -18.48
C CYS D 128 4.44 -27.05 -19.47
N LEU D 129 3.17 -27.03 -19.88
CA LEU D 129 2.57 -27.95 -20.87
C LEU D 129 1.98 -27.04 -21.95
N ALA D 130 2.19 -27.38 -23.21
CA ALA D 130 1.77 -26.47 -24.29
C ALA D 130 1.33 -27.25 -25.52
N ALA D 131 0.46 -26.65 -26.34
CA ALA D 131 0.08 -27.23 -27.60
C ALA D 131 -0.09 -26.09 -28.61
N CYS D 132 0.23 -26.38 -29.86
CA CYS D 132 0.07 -25.39 -30.94
C CYS D 132 -1.34 -25.25 -31.45
N ILE D 133 -1.55 -24.11 -32.11
CA ILE D 133 -2.78 -23.72 -32.77
C ILE D 133 -2.46 -23.53 -34.28
N PHE D 134 -3.30 -24.11 -35.14
CA PHE D 134 -2.96 -24.33 -36.54
C PHE D 134 -3.90 -23.59 -37.42
N ASP D 135 -3.34 -23.09 -38.53
CA ASP D 135 -4.14 -22.43 -39.53
C ASP D 135 -4.58 -23.45 -40.62
N GLU D 136 -5.10 -22.96 -41.75
CA GLU D 136 -5.59 -23.84 -42.84
C GLU D 136 -4.47 -24.48 -43.64
N HIS D 137 -3.24 -23.99 -43.50
CA HIS D 137 -2.08 -24.70 -44.01
C HIS D 137 -1.39 -25.67 -43.05
N ARG D 138 -2.04 -25.95 -41.92
CA ARG D 138 -1.42 -26.69 -40.82
C ARG D 138 -0.13 -26.06 -40.31
N GLU D 139 -0.02 -24.74 -40.46
CA GLU D 139 1.08 -24.00 -39.89
C GLU D 139 0.70 -23.63 -38.45
N PRO D 140 1.59 -23.88 -37.47
CA PRO D 140 1.32 -23.50 -36.06
C PRO D 140 1.49 -21.99 -35.97
N PHE D 141 0.42 -21.24 -35.78
CA PHE D 141 0.57 -19.80 -35.73
C PHE D 141 0.51 -19.25 -34.26
N ALA D 142 0.17 -20.11 -33.29
CA ALA D 142 0.11 -19.71 -31.85
C ALA D 142 0.35 -20.98 -31.02
N ALA D 143 0.70 -20.83 -29.73
CA ALA D 143 0.67 -21.99 -28.78
C ALA D 143 -0.02 -21.50 -27.49
N ILE D 144 -0.75 -22.37 -26.81
CA ILE D 144 -1.16 -22.07 -25.43
C ILE D 144 -0.30 -22.92 -24.48
N SER D 145 0.13 -22.33 -23.36
CA SER D 145 0.85 -23.08 -22.31
C SER D 145 0.14 -22.88 -20.94
N ILE D 146 0.24 -23.89 -20.12
CA ILE D 146 -0.14 -23.86 -18.71
C ILE D 146 1.20 -23.92 -18.00
N SER D 147 1.47 -22.98 -17.10
CA SER D 147 2.78 -22.82 -16.55
C SER D 147 2.63 -22.64 -15.03
N GLY D 148 3.38 -23.41 -14.24
CA GLY D 148 3.27 -23.39 -12.78
C GLY D 148 4.31 -24.21 -12.04
N PRO D 149 4.29 -24.15 -10.68
CA PRO D 149 5.32 -24.76 -9.83
C PRO D 149 5.17 -26.29 -9.80
N ILE D 150 6.31 -26.95 -9.69
CA ILE D 150 6.37 -28.43 -9.56
C ILE D 150 5.59 -28.90 -8.35
N SER D 151 5.43 -28.00 -7.38
CA SER D 151 4.67 -28.32 -6.15
C SER D 151 3.16 -28.59 -6.43
N ARG D 152 2.67 -28.03 -7.53
CA ARG D 152 1.28 -28.22 -7.92
C ARG D 152 1.09 -28.98 -9.24
N ILE D 153 2.02 -28.75 -10.16
CA ILE D 153 2.11 -29.56 -11.36
C ILE D 153 2.99 -30.75 -11.04
N THR D 154 2.37 -31.70 -10.35
CA THR D 154 3.04 -32.90 -9.83
C THR D 154 3.01 -34.02 -10.89
N ASP D 155 3.91 -35.03 -10.77
CA ASP D 155 4.13 -36.02 -11.84
C ASP D 155 2.82 -36.73 -12.17
N ASP D 156 2.05 -37.02 -11.13
CA ASP D 156 0.78 -37.71 -11.32
C ASP D 156 -0.31 -36.86 -12.12
N ARG D 157 -0.06 -35.57 -12.32
CA ARG D 157 -1.00 -34.63 -12.97
CA ARG D 157 -1.03 -34.69 -13.00
C ARG D 157 -0.60 -34.24 -14.41
N VAL D 158 0.60 -34.61 -14.82
CA VAL D 158 1.15 -34.14 -16.12
C VAL D 158 0.26 -34.52 -17.31
N THR D 159 -0.17 -35.79 -17.38
CA THR D 159 -1.02 -36.23 -18.51
C THR D 159 -2.36 -35.45 -18.52
N GLU D 160 -2.97 -35.33 -17.33
CA GLU D 160 -4.24 -34.59 -17.10
C GLU D 160 -4.09 -33.14 -17.54
N PHE D 161 -2.97 -32.50 -17.14
CA PHE D 161 -2.68 -31.14 -17.56
C PHE D 161 -2.47 -31.06 -19.08
N GLY D 162 -1.76 -32.07 -19.65
CA GLY D 162 -1.60 -32.17 -21.11
C GLY D 162 -2.93 -32.23 -21.84
N ALA D 163 -3.86 -33.06 -21.35
CA ALA D 163 -5.22 -33.12 -21.89
C ALA D 163 -5.89 -31.76 -21.90
N VAL D 165 -4.50 -28.63 -21.86
CA VAL D 165 -3.92 -27.78 -22.91
C VAL D 165 -4.23 -28.19 -24.38
N ILE D 166 -4.29 -29.50 -24.61
CA ILE D 166 -4.78 -30.04 -25.92
C ILE D 166 -6.16 -29.50 -26.24
N LYS D 167 -7.07 -29.59 -25.26
CA LYS D 167 -8.43 -29.23 -25.51
C LYS D 167 -8.48 -27.72 -25.79
N ALA D 168 -7.75 -26.90 -24.99
CA ALA D 168 -7.73 -25.45 -25.16
C ALA D 168 -7.21 -25.02 -26.55
N ALA D 169 -6.11 -25.61 -26.95
CA ALA D 169 -5.47 -25.29 -28.25
C ALA D 169 -6.43 -25.69 -29.38
N LYS D 170 -7.03 -26.90 -29.28
CA LYS D 170 -8.10 -27.36 -30.19
C LYS D 170 -9.21 -26.33 -30.30
N GLU D 171 -9.73 -25.81 -29.19
CA GLU D 171 -10.84 -24.85 -29.26
C GLU D 171 -10.50 -23.59 -30.04
N VAL D 172 -9.26 -23.12 -29.92
CA VAL D 172 -8.80 -21.97 -30.71
C VAL D 172 -8.62 -22.25 -32.21
N THR D 173 -8.02 -23.38 -32.48
CA THR D 173 -7.90 -23.86 -33.88
C THR D 173 -9.27 -23.93 -34.55
N LEU D 174 -10.25 -24.51 -33.86
CA LEU D 174 -11.60 -24.58 -34.39
C LEU D 174 -12.22 -23.18 -34.54
N ALA D 175 -12.11 -22.35 -33.49
CA ALA D 175 -12.52 -20.94 -33.56
C ALA D 175 -11.95 -20.19 -34.79
N TYR D 176 -10.63 -20.30 -35.01
CA TYR D 176 -10.01 -19.73 -36.22
C TYR D 176 -10.64 -20.34 -37.50
N GLY D 177 -10.86 -21.68 -37.51
CA GLY D 177 -11.41 -22.38 -38.69
C GLY D 177 -12.78 -21.79 -39.05
N GLY D 178 -13.54 -21.47 -38.00
CA GLY D 178 -14.92 -21.06 -38.10
C GLY D 178 -15.05 -19.66 -38.61
N ARG D 180 -12.49 -17.72 -40.16
CA ARG D 180 -11.51 -17.23 -41.14
C ARG D 180 -12.07 -16.82 -42.53
#